data_9K0G
#
_entry.id   9K0G
#
_cell.length_a   92.136
_cell.length_b   98.480
_cell.length_c   139.203
_cell.angle_alpha   90.00
_cell.angle_beta   90.00
_cell.angle_gamma   90.00
#
_symmetry.space_group_name_H-M   'P 21 21 21'
#
loop_
_entity.id
_entity.type
_entity.pdbx_description
1 polymer 'Histone deacetylase 2'
2 non-polymer 'ZINC ION'
3 non-polymer 'CALCIUM ION'
4 non-polymer N-(2-aminophenyl)-4-(1-((phenylsulfonyl)methyl)-1H-1,2,3-triazol-4-yl)benzamide
5 non-polymer 1,2-ETHANEDIOL
6 non-polymer DI(HYDROXYETHYL)ETHER
7 non-polymer 'TRIETHYLENE GLYCOL'
8 non-polymer GLYCEROL
9 non-polymer 'TETRAETHYLENE GLYCOL'
10 water water
#
_entity_poly.entity_id   1
_entity_poly.type   'polypeptide(L)'
_entity_poly.pdbx_seq_one_letter_code
;MAYSQGGGKKKVCYYYDGDIGNYYYGQGHPMKPHRIRMTHNLLLNYGLYRKMEIYRPHKATAEEMTKYHSDEYIKFLRSI
RPDNMSEYSKQMQRFNVGEDCPVFDGLFEFCQLSTGGSVAGAVKLNRQQTDMAVNWAGGLHHAKKSEASGFCYVNDIVLA
ILELLKYHQRVLYIDIDIHHGDGVEEAFYTTDRVMTVSFHKYGEYFPGTGDLRDIGAGKGKYYAVNFPMRDGIDDESYGQ
IFKPIISKVMEMYQPSAVVLQCGADSLSGDRLGCFNLTVKGHAKCVEVVKTFNLPLLMLGGGGYTIRNVARCWTYETAVA
LDCEIPNELPYNDYFEYFGPDFKLHISPSNMTNQNTPEYMEKIKQRLFENLRMLPHAPGVQMQAIPEDAVHEDSGDEDGE
DPDK
;
_entity_poly.pdbx_strand_id   A,B,C
#
loop_
_chem_comp.id
_chem_comp.type
_chem_comp.name
_chem_comp.formula
A1L47 non-polymer N-(2-aminophenyl)-4-(1-((phenylsulfonyl)methyl)-1H-1,2,3-triazol-4-yl)benzamide 'C22 H19 N5 O3 S'
CA non-polymer 'CALCIUM ION' 'Ca 2'
EDO non-polymer 1,2-ETHANEDIOL 'C2 H6 O2'
GOL non-polymer GLYCEROL 'C3 H8 O3'
PEG non-polymer DI(HYDROXYETHYL)ETHER 'C4 H10 O3'
PG4 non-polymer 'TETRAETHYLENE GLYCOL' 'C8 H18 O5'
PGE non-polymer 'TRIETHYLENE GLYCOL' 'C6 H14 O4'
ZN non-polymer 'ZINC ION' 'Zn 2'
#
# COMPACT_ATOMS: atom_id res chain seq x y z
N GLY A 8 -13.12 0.61 36.42
CA GLY A 8 -13.75 -0.68 36.87
C GLY A 8 -14.98 -1.03 36.05
N LYS A 9 -15.99 -1.65 36.68
CA LYS A 9 -17.32 -1.92 36.06
C LYS A 9 -18.16 -0.63 35.99
N LYS A 10 -18.86 -0.43 34.88
CA LYS A 10 -19.63 0.84 34.71
C LYS A 10 -21.15 0.75 34.91
N LYS A 11 -21.77 1.87 35.22
CA LYS A 11 -23.20 1.91 35.21
C LYS A 11 -23.66 1.97 33.72
N VAL A 12 -24.59 1.07 33.35
CA VAL A 12 -25.14 1.07 31.95
C VAL A 12 -26.61 1.37 31.97
N CYS A 13 -27.04 2.32 31.17
N CYS A 13 -27.06 2.35 31.20
CA CYS A 13 -28.45 2.61 30.98
CA CYS A 13 -28.50 2.53 31.01
C CYS A 13 -28.80 2.09 29.59
C CYS A 13 -28.89 2.22 29.58
N TYR A 14 -29.93 1.41 29.51
CA TYR A 14 -30.32 0.79 28.22
C TYR A 14 -31.72 1.19 27.82
N TYR A 15 -31.90 1.60 26.54
CA TYR A 15 -33.15 2.11 26.06
C TYR A 15 -33.85 1.13 25.13
N TYR A 16 -35.12 0.89 25.37
CA TYR A 16 -35.89 0.00 24.54
C TYR A 16 -37.36 0.29 24.61
N ASP A 17 -38.01 0.43 23.45
CA ASP A 17 -39.47 0.55 23.41
C ASP A 17 -40.03 -0.73 22.90
N GLY A 18 -40.93 -1.37 23.66
CA GLY A 18 -41.47 -2.67 23.27
C GLY A 18 -42.33 -2.65 22.02
N ASP A 19 -42.63 -1.47 21.51
CA ASP A 19 -43.41 -1.33 20.26
C ASP A 19 -42.49 -1.35 19.02
N ILE A 20 -41.19 -1.14 19.22
CA ILE A 20 -40.26 -0.87 18.07
C ILE A 20 -40.26 -2.04 17.08
N GLY A 21 -40.41 -3.26 17.58
CA GLY A 21 -40.31 -4.43 16.71
C GLY A 21 -41.49 -4.58 15.78
N ASN A 22 -42.58 -3.80 15.97
CA ASN A 22 -43.78 -3.89 15.12
C ASN A 22 -43.76 -3.00 13.91
N TYR A 23 -42.77 -2.10 13.83
CA TYR A 23 -42.68 -1.30 12.63
C TYR A 23 -42.15 -2.14 11.46
N TYR A 24 -42.74 -1.96 10.28
CA TYR A 24 -42.48 -2.83 9.17
C TYR A 24 -42.19 -2.04 7.93
N TYR A 25 -40.99 -2.21 7.38
CA TYR A 25 -40.64 -1.42 6.20
C TYR A 25 -41.36 -1.89 4.95
N GLY A 26 -41.91 -3.09 4.97
CA GLY A 26 -42.59 -3.55 3.76
C GLY A 26 -42.09 -4.87 3.23
N GLN A 27 -42.92 -5.54 2.41
CA GLN A 27 -42.53 -6.83 1.90
C GLN A 27 -41.19 -6.82 1.14
N GLY A 28 -40.30 -7.72 1.55
CA GLY A 28 -38.99 -7.86 0.91
C GLY A 28 -37.96 -6.83 1.37
N HIS A 29 -38.33 -5.84 2.18
CA HIS A 29 -37.32 -4.79 2.54
C HIS A 29 -36.40 -5.46 3.56
N PRO A 30 -35.06 -5.33 3.39
CA PRO A 30 -34.16 -5.99 4.30
C PRO A 30 -34.10 -5.37 5.73
N MET A 31 -34.54 -4.15 5.92
CA MET A 31 -34.43 -3.53 7.30
C MET A 31 -35.62 -4.06 8.10
N LYS A 32 -35.32 -4.71 9.22
CA LYS A 32 -36.38 -5.39 10.05
C LYS A 32 -36.24 -4.93 11.50
N PRO A 33 -37.04 -3.94 11.91
CA PRO A 33 -37.00 -3.46 13.29
C PRO A 33 -37.25 -4.54 14.31
N HIS A 34 -37.90 -5.65 13.89
CA HIS A 34 -38.02 -6.85 14.74
C HIS A 34 -36.69 -7.37 15.31
N ARG A 35 -35.55 -7.10 14.62
CA ARG A 35 -34.26 -7.50 15.18
C ARG A 35 -33.96 -6.84 16.53
N ILE A 36 -34.52 -5.65 16.78
N ILE A 36 -34.52 -5.65 16.79
CA ILE A 36 -34.33 -4.94 18.04
CA ILE A 36 -34.26 -4.99 18.06
C ILE A 36 -35.07 -5.68 19.18
C ILE A 36 -35.07 -5.70 19.20
N ARG A 37 -36.26 -6.16 18.87
CA ARG A 37 -37.01 -7.01 19.83
C ARG A 37 -36.35 -8.36 20.04
N MET A 38 -35.77 -8.96 18.99
CA MET A 38 -35.05 -10.23 19.21
C MET A 38 -33.85 -10.00 20.15
N THR A 39 -33.12 -8.91 19.91
CA THR A 39 -31.98 -8.58 20.72
C THR A 39 -32.42 -8.49 22.19
N HIS A 40 -33.49 -7.72 22.38
CA HIS A 40 -33.97 -7.47 23.76
C HIS A 40 -34.38 -8.80 24.46
N ASN A 41 -35.14 -9.59 23.72
CA ASN A 41 -35.60 -10.88 24.30
C ASN A 41 -34.47 -11.81 24.67
N LEU A 42 -33.41 -11.78 23.82
CA LEU A 42 -32.27 -12.62 24.05
C LEU A 42 -31.52 -12.11 25.31
N LEU A 43 -31.24 -10.83 25.39
N LEU A 43 -31.27 -10.80 25.36
CA LEU A 43 -30.52 -10.37 26.58
CA LEU A 43 -30.72 -10.11 26.55
C LEU A 43 -31.40 -10.42 27.89
C LEU A 43 -31.42 -10.48 27.83
N LEU A 44 -32.75 -10.36 27.81
CA LEU A 44 -33.63 -10.66 28.98
C LEU A 44 -33.41 -12.11 29.41
N ASN A 45 -33.38 -12.99 28.44
CA ASN A 45 -33.23 -14.40 28.74
C ASN A 45 -31.86 -14.80 29.26
N TYR A 46 -30.84 -13.99 29.00
CA TYR A 46 -29.52 -14.26 29.60
C TYR A 46 -29.44 -13.68 31.00
N GLY A 47 -30.44 -12.89 31.36
CA GLY A 47 -30.52 -12.29 32.72
C GLY A 47 -29.80 -10.95 32.80
N LEU A 48 -29.45 -10.32 31.65
CA LEU A 48 -28.72 -9.04 31.66
C LEU A 48 -29.54 -7.86 32.25
N TYR A 49 -30.86 -8.03 32.40
CA TYR A 49 -31.69 -6.95 32.95
C TYR A 49 -31.42 -6.74 34.43
N ARG A 50 -30.86 -7.75 35.09
CA ARG A 50 -30.56 -7.60 36.53
C ARG A 50 -29.46 -6.54 36.73
N LYS A 51 -28.68 -6.33 35.67
CA LYS A 51 -27.42 -5.63 35.81
C LYS A 51 -27.48 -4.22 35.21
N MET A 52 -28.60 -3.88 34.58
CA MET A 52 -28.73 -2.54 33.97
C MET A 52 -30.04 -1.84 34.20
N GLU A 53 -30.04 -0.52 34.05
CA GLU A 53 -31.29 0.21 34.20
C GLU A 53 -31.92 0.29 32.82
N ILE A 54 -33.14 -0.27 32.69
CA ILE A 54 -33.84 -0.31 31.40
C ILE A 54 -34.88 0.84 31.38
N TYR A 55 -34.78 1.69 30.39
CA TYR A 55 -35.62 2.88 30.26
C TYR A 55 -36.33 2.80 28.95
N ARG A 56 -37.54 3.35 28.87
CA ARG A 56 -38.25 3.43 27.63
C ARG A 56 -38.04 4.81 27.07
N PRO A 57 -37.60 4.90 25.81
CA PRO A 57 -37.33 6.26 25.29
C PRO A 57 -38.64 7.10 25.18
N HIS A 58 -38.54 8.43 25.27
CA HIS A 58 -39.69 9.25 24.87
C HIS A 58 -39.76 9.35 23.36
N LYS A 59 -40.90 9.76 22.84
CA LYS A 59 -40.99 10.09 21.40
C LYS A 59 -40.40 11.48 21.17
N ALA A 60 -39.21 11.54 20.57
CA ALA A 60 -38.59 12.85 20.31
C ALA A 60 -39.48 13.75 19.50
N THR A 61 -39.51 15.06 19.80
CA THR A 61 -40.48 15.91 19.15
C THR A 61 -39.88 16.54 17.87
N ALA A 62 -40.70 17.21 17.10
CA ALA A 62 -40.16 18.01 15.97
C ALA A 62 -39.19 19.09 16.42
N GLU A 63 -39.38 19.74 17.57
CA GLU A 63 -38.42 20.69 18.14
C GLU A 63 -37.09 19.96 18.30
N GLU A 64 -37.11 18.73 18.78
CA GLU A 64 -35.83 18.12 19.03
C GLU A 64 -35.19 17.85 17.65
N MET A 65 -35.95 17.31 16.70
CA MET A 65 -35.31 16.84 15.44
C MET A 65 -34.79 18.04 14.63
N THR A 66 -35.45 19.19 14.71
CA THR A 66 -34.96 20.35 13.93
C THR A 66 -33.81 21.08 14.60
N LYS A 67 -33.21 20.51 15.63
CA LYS A 67 -31.91 20.97 16.05
C LYS A 67 -30.88 20.64 14.91
N TYR A 68 -31.25 19.75 14.02
CA TYR A 68 -30.37 19.42 12.86
C TYR A 68 -31.13 19.46 11.56
N HIS A 69 -32.21 18.72 11.46
CA HIS A 69 -32.91 18.62 10.21
C HIS A 69 -33.73 19.88 9.90
N SER A 70 -33.98 20.12 8.60
CA SER A 70 -34.77 21.27 8.21
C SER A 70 -36.21 21.12 8.67
N ASP A 71 -36.83 22.27 8.95
CA ASP A 71 -38.24 22.27 9.31
C ASP A 71 -39.07 21.65 8.21
N GLU A 72 -38.81 21.95 6.94
CA GLU A 72 -39.60 21.36 5.86
C GLU A 72 -39.54 19.87 5.79
N TYR A 73 -38.35 19.32 6.02
CA TYR A 73 -38.19 17.86 5.91
C TYR A 73 -38.92 17.18 7.08
N ILE A 74 -38.75 17.71 8.27
CA ILE A 74 -39.41 17.12 9.47
C ILE A 74 -40.94 17.26 9.33
N LYS A 75 -41.40 18.40 8.79
CA LYS A 75 -42.90 18.49 8.53
C LYS A 75 -43.41 17.45 7.54
N PHE A 76 -42.65 17.17 6.48
CA PHE A 76 -43.01 16.14 5.54
C PHE A 76 -43.05 14.77 6.25
N LEU A 77 -42.01 14.48 7.02
CA LEU A 77 -41.98 13.17 7.67
C LEU A 77 -43.19 12.99 8.63
N ARG A 78 -43.59 14.06 9.31
N ARG A 78 -43.60 14.06 9.30
CA ARG A 78 -44.77 14.04 10.22
CA ARG A 78 -44.75 13.98 10.24
C ARG A 78 -46.06 13.76 9.44
C ARG A 78 -46.11 14.04 9.52
N SER A 79 -46.08 14.25 8.20
CA SER A 79 -47.32 14.32 7.35
C SER A 79 -47.54 13.12 6.45
N ILE A 80 -46.47 12.52 5.94
CA ILE A 80 -46.60 11.49 4.90
C ILE A 80 -47.07 10.14 5.46
N ARG A 81 -47.99 9.47 4.76
CA ARG A 81 -48.58 8.20 5.20
C ARG A 81 -48.85 7.37 3.98
N PRO A 82 -48.99 6.05 4.12
CA PRO A 82 -49.29 5.26 2.91
C PRO A 82 -50.62 5.66 2.19
N ASP A 83 -51.55 6.28 2.91
CA ASP A 83 -52.86 6.67 2.33
C ASP A 83 -52.86 8.03 1.65
N ASN A 84 -51.88 8.90 1.93
CA ASN A 84 -51.78 10.18 1.22
C ASN A 84 -50.57 10.31 0.27
N MET A 85 -49.82 9.22 0.09
CA MET A 85 -48.60 9.22 -0.73
C MET A 85 -48.80 9.85 -2.08
N SER A 86 -49.97 9.56 -2.67
CA SER A 86 -50.28 10.07 -4.01
C SER A 86 -50.28 11.59 -4.11
N GLU A 87 -50.64 12.28 -3.03
CA GLU A 87 -50.63 13.76 -2.99
C GLU A 87 -49.24 14.36 -2.79
N TYR A 88 -48.24 13.50 -2.54
CA TYR A 88 -46.92 14.05 -2.12
C TYR A 88 -45.80 13.58 -3.07
N SER A 89 -46.19 13.10 -4.25
CA SER A 89 -45.25 12.53 -5.24
C SER A 89 -44.02 13.45 -5.45
N LYS A 90 -44.24 14.76 -5.42
CA LYS A 90 -43.11 15.70 -5.64
C LYS A 90 -42.17 15.80 -4.44
N GLN A 91 -42.78 15.89 -3.26
CA GLN A 91 -42.03 16.00 -2.02
C GLN A 91 -41.27 14.69 -1.74
N MET A 92 -41.89 13.55 -2.04
CA MET A 92 -41.21 12.29 -1.88
C MET A 92 -39.87 12.28 -2.67
N GLN A 93 -39.90 12.80 -3.89
N GLN A 93 -39.88 12.80 -3.89
CA GLN A 93 -38.69 12.86 -4.73
CA GLN A 93 -38.66 12.85 -4.70
C GLN A 93 -37.65 13.76 -4.10
C GLN A 93 -37.65 13.75 -4.08
N ARG A 94 -38.09 14.93 -3.64
CA ARG A 94 -37.21 15.91 -3.08
C ARG A 94 -36.47 15.37 -1.82
N PHE A 95 -37.21 14.60 -1.04
CA PHE A 95 -36.67 14.18 0.29
C PHE A 95 -36.18 12.76 0.23
N ASN A 96 -36.18 12.18 -0.98
CA ASN A 96 -35.64 10.86 -1.22
C ASN A 96 -36.40 9.77 -0.43
N VAL A 97 -37.71 9.93 -0.36
CA VAL A 97 -38.50 8.94 0.25
C VAL A 97 -39.30 8.19 -0.80
N GLY A 98 -39.37 6.86 -0.65
CA GLY A 98 -40.29 6.06 -1.47
C GLY A 98 -39.75 4.81 -2.15
N GLU A 99 -38.45 4.57 -2.09
CA GLU A 99 -37.87 3.24 -2.52
C GLU A 99 -37.00 2.51 -1.46
N ASP A 100 -35.75 2.94 -1.28
CA ASP A 100 -34.87 2.41 -0.19
C ASP A 100 -35.46 2.82 1.13
N CYS A 101 -36.10 3.98 1.12
CA CYS A 101 -36.61 4.61 2.34
C CYS A 101 -38.09 4.74 2.12
N PRO A 102 -38.83 3.65 2.32
CA PRO A 102 -40.25 3.66 1.94
C PRO A 102 -41.12 4.43 2.92
N VAL A 103 -42.33 4.79 2.44
CA VAL A 103 -43.35 5.26 3.40
C VAL A 103 -44.00 4.00 4.01
N PHE A 104 -44.03 3.90 5.35
CA PHE A 104 -44.74 2.78 5.97
C PHE A 104 -45.59 3.33 7.12
N ASP A 105 -46.61 2.59 7.56
CA ASP A 105 -47.43 3.02 8.70
C ASP A 105 -46.56 3.23 9.92
N GLY A 106 -46.68 4.42 10.52
CA GLY A 106 -46.00 4.68 11.77
C GLY A 106 -44.55 5.12 11.59
N LEU A 107 -44.18 5.42 10.33
CA LEU A 107 -42.82 5.94 10.00
C LEU A 107 -42.36 7.00 10.95
N PHE A 108 -43.17 8.03 11.16
CA PHE A 108 -42.68 9.12 11.99
C PHE A 108 -42.46 8.68 13.45
N GLU A 109 -43.37 7.84 13.96
CA GLU A 109 -43.22 7.31 15.31
C GLU A 109 -41.99 6.43 15.48
N PHE A 110 -41.69 5.63 14.47
CA PHE A 110 -40.42 4.88 14.50
C PHE A 110 -39.22 5.82 14.60
N CYS A 111 -39.21 6.91 13.82
CA CYS A 111 -38.11 7.92 13.92
C CYS A 111 -38.11 8.54 15.30
N GLN A 112 -39.30 8.84 15.86
CA GLN A 112 -39.32 9.49 17.18
C GLN A 112 -38.73 8.60 18.27
N LEU A 113 -38.95 7.29 18.15
CA LEU A 113 -38.45 6.36 19.20
C LEU A 113 -36.99 6.06 19.05
N SER A 114 -36.53 5.90 17.80
N SER A 114 -36.53 5.91 17.82
N SER A 114 -36.54 5.91 17.82
CA SER A 114 -35.11 5.70 17.51
CA SER A 114 -35.13 5.65 17.63
CA SER A 114 -35.14 5.68 17.55
C SER A 114 -34.34 6.90 18.06
C SER A 114 -34.32 6.89 18.04
C SER A 114 -34.33 6.90 18.04
N THR A 115 -34.81 8.09 17.71
CA THR A 115 -34.17 9.32 18.10
C THR A 115 -34.26 9.56 19.61
N GLY A 116 -35.43 9.26 20.18
CA GLY A 116 -35.61 9.51 21.63
C GLY A 116 -34.61 8.74 22.47
N GLY A 117 -34.26 7.48 22.12
CA GLY A 117 -33.33 6.78 22.99
C GLY A 117 -31.95 7.38 22.88
N SER A 118 -31.54 7.77 21.66
CA SER A 118 -30.20 8.36 21.55
C SER A 118 -30.03 9.67 22.29
N VAL A 119 -31.00 10.54 22.15
CA VAL A 119 -30.93 11.85 22.79
CA VAL A 119 -30.92 11.85 22.80
C VAL A 119 -31.11 11.71 24.30
N ALA A 120 -32.05 10.84 24.72
CA ALA A 120 -32.16 10.54 26.17
C ALA A 120 -30.87 10.00 26.75
N GLY A 121 -30.19 9.15 25.99
CA GLY A 121 -28.93 8.60 26.52
C GLY A 121 -27.87 9.69 26.64
N ALA A 122 -27.84 10.59 25.66
CA ALA A 122 -26.88 11.70 25.68
C ALA A 122 -27.14 12.59 26.89
N VAL A 123 -28.43 12.89 27.13
CA VAL A 123 -28.80 13.66 28.36
C VAL A 123 -28.28 13.00 29.63
N LYS A 124 -28.51 11.69 29.75
CA LYS A 124 -28.09 10.99 30.94
C LYS A 124 -26.57 11.07 31.13
N LEU A 125 -25.82 10.86 30.03
CA LEU A 125 -24.39 11.02 30.07
C LEU A 125 -23.92 12.43 30.51
N ASN A 126 -24.58 13.47 29.97
CA ASN A 126 -24.26 14.89 30.24
C ASN A 126 -24.49 15.18 31.75
N ARG A 127 -25.49 14.54 32.30
CA ARG A 127 -25.83 14.69 33.74
C ARG A 127 -25.03 13.83 34.64
N GLN A 128 -24.12 13.06 34.07
CA GLN A 128 -23.30 12.10 34.74
C GLN A 128 -24.09 11.13 35.57
N GLN A 129 -25.28 10.76 35.07
CA GLN A 129 -26.07 9.78 35.75
C GLN A 129 -25.66 8.37 35.32
N THR A 130 -24.89 8.25 34.25
CA THR A 130 -24.45 6.91 33.79
C THR A 130 -23.06 7.02 33.13
N ASP A 131 -22.34 5.91 33.07
CA ASP A 131 -21.05 5.92 32.38
C ASP A 131 -21.29 5.52 30.88
N MET A 132 -22.38 4.80 30.65
N MET A 132 -22.29 4.65 30.64
CA MET A 132 -22.63 4.15 29.36
CA MET A 132 -22.61 4.20 29.29
C MET A 132 -24.13 4.15 29.08
C MET A 132 -24.12 4.21 29.08
N ALA A 133 -24.53 4.52 27.87
CA ALA A 133 -25.93 4.45 27.52
C ALA A 133 -26.01 3.68 26.21
N VAL A 134 -27.03 2.83 26.09
CA VAL A 134 -27.10 1.91 24.95
C VAL A 134 -28.49 2.15 24.30
N ASN A 135 -28.52 2.33 22.95
CA ASN A 135 -29.77 2.42 22.26
C ASN A 135 -29.63 1.63 20.94
N TRP A 136 -30.01 0.37 20.95
CA TRP A 136 -29.80 -0.47 19.74
C TRP A 136 -30.72 -0.04 18.61
N ALA A 137 -31.78 0.70 18.89
CA ALA A 137 -32.66 1.17 17.83
C ALA A 137 -32.11 2.38 17.11
N GLY A 138 -31.01 2.96 17.59
CA GLY A 138 -30.40 4.16 17.00
C GLY A 138 -29.30 3.75 15.99
N GLY A 139 -28.45 4.71 15.70
CA GLY A 139 -27.34 4.44 14.78
C GLY A 139 -27.70 4.70 13.32
N LEU A 140 -28.69 5.53 12.99
N LEU A 140 -28.68 5.56 13.01
CA LEU A 140 -29.20 5.62 11.59
CA LEU A 140 -29.19 5.70 11.63
C LEU A 140 -28.41 6.70 10.83
C LEU A 140 -28.35 6.76 10.91
N HIS A 141 -27.17 6.35 10.51
CA HIS A 141 -26.13 7.33 10.17
C HIS A 141 -26.19 7.92 8.81
N HIS A 142 -27.09 7.43 7.94
CA HIS A 142 -27.09 7.92 6.54
C HIS A 142 -28.01 9.15 6.40
N ALA A 143 -28.94 9.37 7.35
CA ALA A 143 -29.91 10.47 7.13
C ALA A 143 -29.20 11.82 7.06
N LYS A 144 -29.68 12.68 6.14
CA LYS A 144 -29.07 13.97 5.95
C LYS A 144 -30.03 15.07 6.44
N LYS A 145 -29.53 16.28 6.44
N LYS A 145 -29.53 16.29 6.44
CA LYS A 145 -30.28 17.45 6.97
CA LYS A 145 -30.28 17.45 6.95
C LYS A 145 -31.67 17.54 6.36
C LYS A 145 -31.68 17.54 6.36
N SER A 146 -31.79 17.39 5.04
CA SER A 146 -33.10 17.46 4.41
C SER A 146 -33.41 16.29 3.50
N GLU A 147 -32.87 15.10 3.79
CA GLU A 147 -33.30 13.96 3.01
C GLU A 147 -32.98 12.64 3.70
N ALA A 148 -33.86 11.68 3.44
CA ALA A 148 -33.64 10.33 3.87
C ALA A 148 -32.58 9.66 2.97
N SER A 149 -31.96 8.63 3.53
CA SER A 149 -30.99 7.87 2.71
C SER A 149 -30.76 6.53 3.36
N GLY A 150 -30.60 5.47 2.56
CA GLY A 150 -30.05 4.21 3.08
C GLY A 150 -30.85 3.56 4.24
N PHE A 151 -32.19 3.64 4.13
CA PHE A 151 -33.19 3.13 5.11
C PHE A 151 -33.32 4.07 6.33
N CYS A 152 -32.59 5.18 6.37
CA CYS A 152 -32.55 6.10 7.54
C CYS A 152 -33.30 7.38 7.22
N TYR A 153 -34.04 7.93 8.16
CA TYR A 153 -34.84 9.13 7.94
C TYR A 153 -34.43 10.28 8.81
N VAL A 154 -34.19 10.00 10.08
CA VAL A 154 -33.77 11.03 11.03
C VAL A 154 -32.44 10.60 11.62
N ASN A 155 -31.46 11.52 11.59
CA ASN A 155 -30.11 11.18 12.09
C ASN A 155 -30.02 11.31 13.61
N ASP A 156 -30.42 10.23 14.30
CA ASP A 156 -30.37 10.25 15.76
C ASP A 156 -28.96 10.48 16.33
N ILE A 157 -27.93 10.08 15.56
CA ILE A 157 -26.59 10.24 16.03
C ILE A 157 -26.15 11.69 16.06
N VAL A 158 -26.48 12.41 15.00
CA VAL A 158 -26.11 13.83 14.91
C VAL A 158 -26.85 14.55 16.08
N LEU A 159 -28.13 14.22 16.25
CA LEU A 159 -28.90 14.86 17.36
C LEU A 159 -28.31 14.53 18.74
N ALA A 160 -27.87 13.25 18.96
CA ALA A 160 -27.31 12.92 20.22
C ALA A 160 -25.95 13.66 20.39
N ILE A 161 -25.18 13.76 19.29
CA ILE A 161 -23.88 14.46 19.40
C ILE A 161 -24.11 15.96 19.72
N LEU A 162 -25.08 16.56 19.08
CA LEU A 162 -25.40 17.97 19.41
C LEU A 162 -25.75 18.14 20.89
N GLU A 163 -26.46 17.17 21.46
CA GLU A 163 -26.76 17.18 22.87
C GLU A 163 -25.49 17.05 23.70
N LEU A 164 -24.61 16.09 23.37
CA LEU A 164 -23.37 16.04 24.05
C LEU A 164 -22.51 17.32 23.96
N LEU A 165 -22.55 18.01 22.82
CA LEU A 165 -21.73 19.22 22.63
C LEU A 165 -22.21 20.35 23.60
N LYS A 166 -23.37 20.21 24.22
CA LYS A 166 -23.71 21.22 25.27
C LYS A 166 -22.77 21.16 26.48
N TYR A 167 -22.21 20.00 26.80
CA TYR A 167 -21.36 19.81 27.96
C TYR A 167 -19.94 19.38 27.67
N HIS A 168 -19.68 19.02 26.40
CA HIS A 168 -18.37 18.44 26.02
C HIS A 168 -17.77 19.23 24.87
N GLN A 169 -16.54 19.71 25.05
CA GLN A 169 -15.91 20.49 24.05
C GLN A 169 -15.59 19.67 22.78
N ARG A 170 -15.16 18.42 22.99
CA ARG A 170 -14.76 17.51 21.88
C ARG A 170 -15.44 16.16 22.06
N VAL A 171 -16.08 15.70 20.99
CA VAL A 171 -16.81 14.42 21.04
C VAL A 171 -16.18 13.56 19.91
N LEU A 172 -15.87 12.31 20.23
CA LEU A 172 -15.31 11.40 19.21
C LEU A 172 -16.48 10.48 18.74
N TYR A 173 -16.67 10.35 17.43
CA TYR A 173 -17.68 9.44 16.90
C TYR A 173 -16.88 8.30 16.16
N ILE A 174 -17.24 7.05 16.44
CA ILE A 174 -16.54 5.87 15.82
C ILE A 174 -17.62 5.01 15.21
N ASP A 175 -17.42 4.59 13.96
CA ASP A 175 -18.50 3.96 13.22
C ASP A 175 -17.96 2.66 12.65
N ILE A 176 -18.40 1.51 13.15
CA ILE A 176 -17.96 0.19 12.68
C ILE A 176 -19.04 -0.56 11.85
N ASP A 177 -20.09 0.14 11.51
CA ASP A 177 -21.00 -0.33 10.44
C ASP A 177 -20.16 -0.63 9.19
N ILE A 178 -20.56 -1.57 8.34
CA ILE A 178 -19.82 -1.76 7.11
C ILE A 178 -19.87 -0.56 6.16
N HIS A 179 -20.92 0.29 6.27
CA HIS A 179 -21.04 1.47 5.38
C HIS A 179 -20.41 2.69 5.99
N HIS A 180 -19.96 3.59 5.09
CA HIS A 180 -19.49 4.84 5.54
C HIS A 180 -20.56 5.65 6.28
N GLY A 181 -20.18 6.20 7.44
CA GLY A 181 -21.13 7.00 8.17
C GLY A 181 -21.22 8.44 7.58
N ASP A 182 -21.87 8.57 6.43
CA ASP A 182 -21.76 9.77 5.68
C ASP A 182 -22.60 10.91 6.21
N GLY A 183 -23.74 10.57 6.82
CA GLY A 183 -24.60 11.67 7.30
C GLY A 183 -23.96 12.33 8.54
N VAL A 184 -23.31 11.51 9.36
CA VAL A 184 -22.64 12.04 10.54
C VAL A 184 -21.41 12.82 10.12
N GLU A 185 -20.65 12.23 9.16
CA GLU A 185 -19.44 12.96 8.77
C GLU A 185 -19.80 14.30 8.13
N GLU A 186 -20.84 14.33 7.28
CA GLU A 186 -21.22 15.57 6.60
C GLU A 186 -21.68 16.62 7.60
N ALA A 187 -22.48 16.19 8.56
CA ALA A 187 -22.94 17.18 9.58
C ALA A 187 -21.77 17.91 10.27
N PHE A 188 -20.68 17.19 10.55
CA PHE A 188 -19.59 17.73 11.35
C PHE A 188 -18.30 18.01 10.55
N TYR A 189 -18.48 18.06 9.23
CA TYR A 189 -17.30 18.01 8.31
C TYR A 189 -16.46 19.26 8.51
N THR A 190 -17.09 20.39 8.88
CA THR A 190 -16.31 21.65 9.03
C THR A 190 -16.07 22.05 10.45
N THR A 191 -16.21 21.15 11.43
CA THR A 191 -15.86 21.51 12.77
C THR A 191 -14.83 20.60 13.40
N ASP A 192 -14.03 21.12 14.33
CA ASP A 192 -13.11 20.35 15.12
C ASP A 192 -13.68 19.85 16.45
N ARG A 193 -14.95 20.21 16.73
CA ARG A 193 -15.58 19.74 17.96
C ARG A 193 -16.14 18.33 17.90
N VAL A 194 -16.15 17.72 16.69
CA VAL A 194 -16.53 16.29 16.62
C VAL A 194 -15.48 15.75 15.64
N MET A 195 -14.78 14.75 16.11
CA MET A 195 -13.92 13.98 15.19
C MET A 195 -14.72 12.73 14.76
N THR A 196 -14.82 12.48 13.44
CA THR A 196 -15.62 11.29 13.02
C THR A 196 -14.64 10.26 12.47
N VAL A 197 -14.75 9.01 12.85
CA VAL A 197 -13.80 7.99 12.41
C VAL A 197 -14.66 6.82 11.90
N SER A 198 -14.61 6.50 10.60
CA SER A 198 -15.48 5.47 10.03
C SER A 198 -14.55 4.42 9.36
N PHE A 199 -14.82 3.17 9.69
CA PHE A 199 -14.17 2.01 9.05
C PHE A 199 -15.27 1.44 8.18
N HIS A 200 -15.01 1.20 6.87
CA HIS A 200 -16.12 0.80 6.02
C HIS A 200 -15.59 0.19 4.72
N LYS A 201 -16.46 -0.56 4.07
CA LYS A 201 -16.12 -1.05 2.71
C LYS A 201 -16.22 0.09 1.78
N TYR A 202 -15.22 0.23 0.87
CA TYR A 202 -15.19 1.33 -0.03
C TYR A 202 -14.80 0.80 -1.43
N GLY A 203 -15.54 1.25 -2.43
CA GLY A 203 -15.31 0.87 -3.85
C GLY A 203 -16.59 0.30 -4.40
N GLU A 204 -17.32 1.13 -5.13
CA GLU A 204 -18.59 0.73 -5.81
C GLU A 204 -19.51 0.12 -4.77
N TYR A 205 -19.61 0.83 -3.65
CA TYR A 205 -20.47 0.29 -2.59
C TYR A 205 -21.21 1.51 -2.01
N PHE A 206 -22.41 1.25 -1.51
CA PHE A 206 -23.17 2.33 -0.86
C PHE A 206 -22.42 2.88 0.37
N PRO A 207 -22.45 4.17 0.67
CA PRO A 207 -23.10 5.24 -0.12
C PRO A 207 -22.17 5.86 -1.16
N GLY A 208 -20.94 5.40 -1.28
CA GLY A 208 -20.07 5.96 -2.36
C GLY A 208 -19.00 6.92 -1.86
N THR A 209 -19.09 7.36 -0.61
CA THR A 209 -18.17 8.26 0.02
C THR A 209 -17.24 7.54 1.04
N GLY A 210 -16.36 8.30 1.66
CA GLY A 210 -15.44 7.78 2.68
C GLY A 210 -14.11 7.33 2.10
N ASP A 211 -13.66 8.07 1.08
CA ASP A 211 -12.25 7.83 0.64
C ASP A 211 -11.30 8.28 1.74
N LEU A 212 -10.14 7.63 1.93
N LEU A 212 -10.18 7.57 1.78
CA LEU A 212 -9.26 8.12 3.02
CA LEU A 212 -9.01 7.85 2.57
C LEU A 212 -8.77 9.53 2.74
C LEU A 212 -8.67 9.34 2.63
N ARG A 213 -8.91 10.00 1.49
CA ARG A 213 -8.48 11.39 1.24
C ARG A 213 -9.53 12.41 1.67
N ASP A 214 -10.70 11.92 2.18
CA ASP A 214 -11.71 12.87 2.73
C ASP A 214 -11.34 13.07 4.21
N ILE A 215 -10.81 14.25 4.54
CA ILE A 215 -10.21 14.48 5.80
C ILE A 215 -10.89 15.64 6.58
N GLY A 216 -11.94 16.19 6.00
CA GLY A 216 -12.64 17.35 6.58
C GLY A 216 -12.22 18.62 5.89
N ALA A 217 -12.84 19.73 6.31
CA ALA A 217 -12.59 21.02 5.62
C ALA A 217 -12.71 22.18 6.60
N GLY A 218 -12.07 23.34 6.26
CA GLY A 218 -12.03 24.52 7.15
C GLY A 218 -11.49 24.18 8.51
N LYS A 219 -12.18 24.59 9.59
CA LYS A 219 -11.72 24.25 10.94
C LYS A 219 -11.76 22.71 11.25
N GLY A 220 -12.54 22.02 10.44
CA GLY A 220 -12.68 20.55 10.57
C GLY A 220 -11.60 19.80 9.78
N LYS A 221 -10.69 20.52 9.10
CA LYS A 221 -9.65 19.76 8.34
C LYS A 221 -8.82 18.93 9.31
N TYR A 222 -8.69 17.66 8.99
CA TYR A 222 -8.05 16.64 9.85
C TYR A 222 -8.95 15.97 10.95
N TYR A 223 -10.19 16.42 11.02
CA TYR A 223 -11.07 15.87 12.05
C TYR A 223 -12.10 14.91 11.43
N ALA A 224 -11.86 14.43 10.21
CA ALA A 224 -12.67 13.33 9.68
C ALA A 224 -11.63 12.27 9.26
N VAL A 225 -11.86 11.03 9.68
CA VAL A 225 -10.84 9.96 9.45
C VAL A 225 -11.66 8.82 8.76
N ASN A 226 -11.18 8.33 7.60
CA ASN A 226 -11.92 7.28 6.90
C ASN A 226 -10.94 6.15 6.63
N PHE A 227 -11.32 4.92 6.97
CA PHE A 227 -10.44 3.77 6.72
C PHE A 227 -11.22 2.91 5.69
N PRO A 228 -10.90 2.98 4.38
CA PRO A 228 -11.57 2.23 3.32
C PRO A 228 -11.02 0.82 3.28
N MET A 229 -11.94 -0.16 3.24
CA MET A 229 -11.57 -1.57 3.28
C MET A 229 -12.23 -2.29 2.09
N ARG A 230 -11.66 -3.46 1.75
CA ARG A 230 -12.24 -4.26 0.72
C ARG A 230 -13.04 -5.39 1.32
N ASP A 231 -13.69 -6.16 0.43
CA ASP A 231 -14.47 -7.38 0.90
C ASP A 231 -13.69 -8.35 1.71
N GLY A 232 -14.35 -9.03 2.67
CA GLY A 232 -13.70 -10.19 3.26
C GLY A 232 -12.89 -9.99 4.50
N ILE A 233 -12.94 -8.76 5.04
CA ILE A 233 -12.12 -8.53 6.21
C ILE A 233 -12.49 -9.43 7.37
N ASP A 234 -11.49 -9.87 8.09
CA ASP A 234 -11.70 -10.82 9.18
C ASP A 234 -11.25 -10.28 10.50
N ASP A 235 -11.49 -11.02 11.61
CA ASP A 235 -11.23 -10.47 12.91
C ASP A 235 -9.76 -10.08 13.07
N GLU A 236 -8.85 -10.92 12.56
N GLU A 236 -8.87 -10.93 12.54
CA GLU A 236 -7.44 -10.59 12.76
CA GLU A 236 -7.44 -10.64 12.70
C GLU A 236 -7.01 -9.33 12.01
C GLU A 236 -7.03 -9.36 12.00
N SER A 237 -7.47 -9.14 10.77
CA SER A 237 -7.16 -7.92 10.02
C SER A 237 -7.77 -6.67 10.70
N TYR A 238 -9.00 -6.80 11.17
CA TYR A 238 -9.68 -5.64 11.78
C TYR A 238 -9.01 -5.30 13.11
N GLY A 239 -8.67 -6.29 13.89
CA GLY A 239 -8.24 -6.11 15.29
C GLY A 239 -6.84 -5.50 15.28
N GLN A 240 -6.13 -5.74 14.20
CA GLN A 240 -4.79 -5.15 14.08
C GLN A 240 -4.71 -3.70 13.61
N ILE A 241 -5.80 -3.15 13.08
CA ILE A 241 -5.80 -1.72 12.85
C ILE A 241 -6.68 -0.91 13.80
N PHE A 242 -7.66 -1.54 14.45
CA PHE A 242 -8.65 -0.72 15.17
C PHE A 242 -8.05 -0.14 16.49
N LYS A 243 -7.42 -1.00 17.34
CA LYS A 243 -6.84 -0.55 18.59
C LYS A 243 -5.74 0.52 18.29
N PRO A 244 -4.84 0.28 17.30
CA PRO A 244 -3.85 1.37 17.04
C PRO A 244 -4.43 2.70 16.55
N ILE A 245 -5.46 2.67 15.68
CA ILE A 245 -6.04 3.90 15.19
CA ILE A 245 -6.02 3.91 15.22
C ILE A 245 -6.76 4.60 16.33
N ILE A 246 -7.57 3.84 17.06
CA ILE A 246 -8.37 4.50 18.11
C ILE A 246 -7.45 5.00 19.23
N SER A 247 -6.37 4.28 19.52
CA SER A 247 -5.44 4.76 20.53
C SER A 247 -4.80 6.06 20.11
N LYS A 248 -4.44 6.15 18.85
CA LYS A 248 -3.77 7.40 18.43
C LYS A 248 -4.75 8.56 18.37
N VAL A 249 -5.98 8.26 17.89
CA VAL A 249 -7.01 9.29 17.91
C VAL A 249 -7.25 9.78 19.33
N MET A 250 -7.31 8.88 20.30
CA MET A 250 -7.59 9.27 21.69
C MET A 250 -6.44 10.17 22.16
N GLU A 251 -5.25 9.77 21.77
CA GLU A 251 -4.06 10.52 22.23
C GLU A 251 -4.00 11.93 21.65
N MET A 252 -4.24 12.09 20.35
CA MET A 252 -4.14 13.34 19.70
C MET A 252 -5.36 14.21 19.97
N TYR A 253 -6.57 13.62 19.96
CA TYR A 253 -7.78 14.45 20.00
C TYR A 253 -8.31 14.66 21.43
N GLN A 254 -8.05 13.72 22.35
N GLN A 254 -8.06 13.73 22.34
CA GLN A 254 -8.47 13.80 23.76
CA GLN A 254 -8.48 13.85 23.75
C GLN A 254 -9.94 14.22 23.91
C GLN A 254 -9.95 14.24 23.89
N PRO A 255 -10.86 13.40 23.33
CA PRO A 255 -12.25 13.68 23.48
C PRO A 255 -12.72 13.61 24.93
N SER A 256 -13.86 14.21 25.30
CA SER A 256 -14.36 13.91 26.62
C SER A 256 -15.64 13.05 26.61
N ALA A 257 -16.11 12.69 25.43
CA ALA A 257 -17.25 11.71 25.32
C ALA A 257 -17.05 10.97 24.00
N VAL A 258 -17.71 9.82 23.89
CA VAL A 258 -17.52 9.01 22.69
C VAL A 258 -18.88 8.43 22.32
N VAL A 259 -19.10 8.35 21.00
CA VAL A 259 -20.34 7.74 20.48
C VAL A 259 -19.82 6.66 19.57
N LEU A 260 -20.30 5.45 19.79
CA LEU A 260 -19.86 4.28 19.01
C LEU A 260 -21.07 3.72 18.33
N GLN A 261 -21.04 3.75 17.01
CA GLN A 261 -22.12 3.12 16.20
C GLN A 261 -21.62 1.69 15.91
N CYS A 262 -22.48 0.68 16.28
CA CYS A 262 -22.06 -0.73 16.30
C CYS A 262 -22.87 -1.46 15.25
N GLY A 263 -22.97 -0.85 14.07
CA GLY A 263 -23.73 -1.50 12.94
C GLY A 263 -23.21 -2.95 12.74
N ALA A 264 -24.14 -3.90 12.75
CA ALA A 264 -23.86 -5.32 12.62
C ALA A 264 -23.88 -5.88 11.20
N ASP A 265 -23.96 -4.99 10.23
CA ASP A 265 -23.83 -5.42 8.83
C ASP A 265 -22.38 -5.70 8.42
N SER A 266 -21.44 -5.41 9.32
CA SER A 266 -20.08 -5.84 9.17
C SER A 266 -19.80 -7.25 9.61
N LEU A 267 -20.82 -8.03 10.09
CA LEU A 267 -20.55 -9.42 10.42
C LEU A 267 -20.59 -10.36 9.23
N SER A 268 -19.88 -11.47 9.40
CA SER A 268 -19.86 -12.55 8.43
C SER A 268 -21.31 -13.02 8.22
N GLY A 269 -21.69 -13.25 6.98
CA GLY A 269 -23.00 -13.85 6.73
C GLY A 269 -24.10 -12.82 6.66
N ASP A 270 -23.77 -11.53 6.68
CA ASP A 270 -24.80 -10.48 6.57
C ASP A 270 -25.45 -10.57 5.19
N ARG A 271 -26.74 -10.40 5.15
CA ARG A 271 -27.46 -10.47 3.84
C ARG A 271 -27.02 -9.41 2.83
N LEU A 272 -26.61 -8.24 3.30
CA LEU A 272 -26.23 -7.14 2.41
C LEU A 272 -24.72 -6.83 2.47
N GLY A 273 -24.06 -7.20 3.53
CA GLY A 273 -22.65 -6.80 3.72
C GLY A 273 -21.71 -7.91 3.25
N CYS A 274 -20.45 -7.54 3.06
N CYS A 274 -20.44 -7.60 3.09
N CYS A 274 -20.46 -7.58 3.03
CA CYS A 274 -19.43 -8.41 2.45
CA CYS A 274 -19.52 -8.60 2.55
CA CYS A 274 -19.51 -8.58 2.53
C CYS A 274 -18.21 -8.64 3.34
C CYS A 274 -18.23 -8.66 3.35
C CYS A 274 -18.21 -8.59 3.33
N PHE A 275 -18.32 -8.38 4.64
CA PHE A 275 -17.22 -8.59 5.54
C PHE A 275 -17.34 -9.96 6.22
N ASN A 276 -16.32 -10.34 6.97
CA ASN A 276 -16.25 -11.68 7.57
C ASN A 276 -15.90 -11.65 9.04
N LEU A 277 -16.39 -10.61 9.76
CA LEU A 277 -16.15 -10.53 11.17
C LEU A 277 -17.05 -11.49 11.95
N THR A 278 -16.52 -12.00 13.05
CA THR A 278 -17.40 -12.71 14.05
C THR A 278 -17.97 -11.74 15.07
N VAL A 279 -18.87 -12.23 15.91
CA VAL A 279 -19.36 -11.43 17.00
C VAL A 279 -18.22 -11.04 17.98
N LYS A 280 -17.28 -11.97 18.23
CA LYS A 280 -16.16 -11.63 19.09
C LYS A 280 -15.26 -10.55 18.48
N GLY A 281 -15.03 -10.62 17.17
CA GLY A 281 -14.24 -9.59 16.45
C GLY A 281 -14.89 -8.24 16.51
N HIS A 282 -16.21 -8.22 16.29
CA HIS A 282 -16.93 -6.96 16.29
C HIS A 282 -16.91 -6.42 17.72
N ALA A 283 -17.19 -7.27 18.70
CA ALA A 283 -17.28 -6.80 20.07
C ALA A 283 -15.95 -6.37 20.67
N LYS A 284 -14.84 -6.88 20.13
CA LYS A 284 -13.49 -6.37 20.51
C LYS A 284 -13.42 -4.86 20.37
N CYS A 285 -14.15 -4.28 19.40
CA CYS A 285 -14.13 -2.84 19.20
C CYS A 285 -14.77 -2.17 20.39
N VAL A 286 -15.87 -2.75 20.91
CA VAL A 286 -16.48 -2.17 22.11
C VAL A 286 -15.51 -2.24 23.27
N GLU A 287 -14.87 -3.40 23.45
CA GLU A 287 -13.93 -3.58 24.55
C GLU A 287 -12.82 -2.54 24.46
N VAL A 288 -12.31 -2.31 23.25
CA VAL A 288 -11.23 -1.31 23.06
C VAL A 288 -11.69 0.08 23.49
N VAL A 289 -12.86 0.49 23.02
CA VAL A 289 -13.35 1.81 23.29
C VAL A 289 -13.60 1.96 24.79
N LYS A 290 -14.21 0.95 25.43
CA LYS A 290 -14.41 0.98 26.89
C LYS A 290 -13.22 1.20 27.73
N THR A 291 -12.05 0.69 27.34
CA THR A 291 -10.86 0.87 28.16
C THR A 291 -10.50 2.33 28.42
N PHE A 292 -10.89 3.24 27.52
CA PHE A 292 -10.55 4.68 27.72
C PHE A 292 -11.36 5.36 28.82
N ASN A 293 -12.38 4.66 29.36
CA ASN A 293 -13.12 5.18 30.51
CA ASN A 293 -13.10 5.18 30.52
C ASN A 293 -13.73 6.56 30.30
N LEU A 294 -14.26 6.83 29.11
CA LEU A 294 -14.95 8.05 28.85
C LEU A 294 -16.44 7.73 28.75
N PRO A 295 -17.31 8.74 28.99
CA PRO A 295 -18.76 8.65 28.82
C PRO A 295 -19.01 8.13 27.39
N LEU A 296 -19.81 7.07 27.26
CA LEU A 296 -19.88 6.38 25.97
C LEU A 296 -21.34 6.14 25.66
N LEU A 297 -21.74 6.52 24.47
CA LEU A 297 -23.11 6.25 23.96
C LEU A 297 -22.91 5.17 22.87
N MET A 298 -23.51 3.99 23.04
N MET A 298 -23.52 4.01 23.03
CA MET A 298 -23.34 2.88 22.07
CA MET A 298 -23.32 2.88 22.08
C MET A 298 -24.74 2.78 21.35
C MET A 298 -24.73 2.74 21.36
N LEU A 299 -24.69 2.67 20.04
CA LEU A 299 -25.85 2.74 19.20
C LEU A 299 -25.78 1.58 18.21
N GLY A 300 -26.97 1.21 17.71
CA GLY A 300 -27.12 0.11 16.74
C GLY A 300 -26.69 0.60 15.34
N GLY A 301 -27.30 0.11 14.30
CA GLY A 301 -26.91 0.53 12.96
C GLY A 301 -27.44 -0.56 12.07
N GLY A 302 -26.71 -0.85 11.00
CA GLY A 302 -27.25 -1.79 9.99
C GLY A 302 -27.21 -3.22 10.57
N GLY A 303 -27.60 -4.22 9.75
CA GLY A 303 -27.55 -5.57 10.21
C GLY A 303 -28.85 -6.25 9.69
N TYR A 304 -28.61 -7.20 8.78
CA TYR A 304 -29.70 -7.75 7.91
C TYR A 304 -29.84 -9.24 8.01
N THR A 305 -28.90 -9.95 8.67
CA THR A 305 -29.14 -11.37 9.02
C THR A 305 -29.55 -11.37 10.50
N ILE A 306 -30.86 -11.36 10.75
CA ILE A 306 -31.29 -10.88 12.07
C ILE A 306 -30.89 -11.74 13.24
N ARG A 307 -30.73 -13.05 13.04
CA ARG A 307 -30.24 -13.90 14.13
C ARG A 307 -28.83 -13.45 14.54
N ASN A 308 -28.01 -12.99 13.59
CA ASN A 308 -26.64 -12.56 14.00
C ASN A 308 -26.59 -11.16 14.61
N VAL A 309 -27.49 -10.28 14.21
CA VAL A 309 -27.65 -9.00 14.82
C VAL A 309 -28.01 -9.18 16.27
N ALA A 310 -28.99 -10.05 16.54
CA ALA A 310 -29.36 -10.26 17.93
C ALA A 310 -28.21 -10.81 18.79
N ARG A 311 -27.46 -11.74 18.20
CA ARG A 311 -26.29 -12.29 18.93
C ARG A 311 -25.29 -11.21 19.18
N CYS A 312 -25.05 -10.37 18.18
CA CYS A 312 -23.93 -9.38 18.25
C CYS A 312 -24.30 -8.37 19.36
N TRP A 313 -25.47 -7.78 19.26
CA TRP A 313 -25.84 -6.75 20.21
C TRP A 313 -26.10 -7.26 21.64
N THR A 314 -26.58 -8.52 21.77
CA THR A 314 -26.61 -9.14 23.09
C THR A 314 -25.18 -9.22 23.67
N TYR A 315 -24.23 -9.74 22.87
CA TYR A 315 -22.89 -9.95 23.44
C TYR A 315 -22.27 -8.59 23.71
N GLU A 316 -22.57 -7.60 22.87
CA GLU A 316 -21.94 -6.25 23.12
C GLU A 316 -22.56 -5.56 24.36
N THR A 317 -23.80 -5.90 24.68
CA THR A 317 -24.42 -5.42 25.94
C THR A 317 -23.69 -6.10 27.10
N ALA A 318 -23.45 -7.40 26.99
CA ALA A 318 -22.72 -8.18 28.02
C ALA A 318 -21.31 -7.61 28.20
N VAL A 319 -20.64 -7.29 27.09
CA VAL A 319 -19.29 -6.59 27.20
C VAL A 319 -19.41 -5.26 27.91
N ALA A 320 -20.37 -4.44 27.61
CA ALA A 320 -20.56 -3.18 28.25
C ALA A 320 -20.71 -3.37 29.76
N LEU A 321 -21.40 -4.45 30.13
CA LEU A 321 -21.61 -4.78 31.56
C LEU A 321 -20.47 -5.54 32.23
N ASP A 322 -19.39 -5.86 31.52
CA ASP A 322 -18.32 -6.73 32.02
C ASP A 322 -18.87 -8.03 32.54
N CYS A 323 -19.81 -8.61 31.80
N CYS A 323 -19.80 -8.61 31.79
CA CYS A 323 -20.48 -9.83 32.20
CA CYS A 323 -20.53 -9.83 32.15
C CYS A 323 -20.17 -10.93 31.18
C CYS A 323 -20.24 -10.96 31.17
N GLU A 324 -19.72 -12.08 31.68
CA GLU A 324 -19.41 -13.23 30.85
C GLU A 324 -20.73 -13.99 30.69
N ILE A 325 -21.11 -14.26 29.44
CA ILE A 325 -22.36 -15.04 29.22
C ILE A 325 -22.01 -16.29 28.48
N PRO A 326 -22.75 -17.39 28.74
CA PRO A 326 -22.40 -18.68 28.12
C PRO A 326 -22.71 -18.73 26.63
N ASN A 327 -22.02 -19.60 25.93
CA ASN A 327 -22.16 -19.70 24.48
C ASN A 327 -23.48 -20.38 24.20
N GLU A 328 -23.92 -21.21 25.14
CA GLU A 328 -25.18 -21.96 24.88
C GLU A 328 -26.32 -20.92 25.02
N LEU A 329 -27.17 -20.75 23.98
CA LEU A 329 -28.17 -19.69 24.04
C LEU A 329 -29.27 -20.16 24.99
N PRO A 330 -29.78 -19.26 25.84
CA PRO A 330 -30.91 -19.65 26.65
C PRO A 330 -32.14 -19.73 25.77
N TYR A 331 -33.14 -20.52 26.20
CA TYR A 331 -34.39 -20.49 25.51
C TYR A 331 -34.98 -19.04 25.50
N ASN A 332 -35.70 -18.72 24.46
CA ASN A 332 -36.23 -17.40 24.31
C ASN A 332 -37.36 -17.45 23.28
N ASP A 333 -38.07 -16.32 23.09
CA ASP A 333 -39.23 -16.33 22.20
C ASP A 333 -38.91 -16.58 20.72
N TYR A 334 -37.64 -16.42 20.34
CA TYR A 334 -37.19 -16.50 18.97
C TYR A 334 -36.19 -17.58 18.82
N PHE A 335 -36.21 -18.55 19.73
CA PHE A 335 -35.21 -19.60 19.75
C PHE A 335 -34.91 -20.31 18.42
N GLU A 336 -35.96 -20.58 17.62
CA GLU A 336 -35.76 -21.28 16.37
C GLU A 336 -34.99 -20.49 15.30
N TYR A 337 -34.95 -19.18 15.51
CA TYR A 337 -34.11 -18.36 14.60
C TYR A 337 -32.63 -18.64 14.71
N PHE A 338 -32.17 -19.22 15.83
CA PHE A 338 -30.78 -19.39 16.10
C PHE A 338 -30.26 -20.77 15.76
N GLY A 339 -31.13 -21.58 15.13
CA GLY A 339 -30.63 -22.87 14.70
C GLY A 339 -29.66 -22.69 13.50
N PRO A 340 -29.01 -23.76 13.12
CA PRO A 340 -29.18 -25.08 13.70
C PRO A 340 -28.33 -25.34 14.90
N ASP A 341 -27.44 -24.40 15.28
CA ASP A 341 -26.52 -24.61 16.41
C ASP A 341 -26.96 -24.09 17.81
N PHE A 342 -27.80 -23.08 17.82
CA PHE A 342 -28.31 -22.50 19.07
C PHE A 342 -27.21 -22.04 20.00
N LYS A 343 -26.15 -21.50 19.36
CA LYS A 343 -25.05 -20.90 20.11
C LYS A 343 -25.01 -19.38 19.88
N LEU A 344 -24.33 -18.68 20.79
CA LEU A 344 -24.26 -17.20 20.71
C LEU A 344 -23.23 -16.79 19.67
N HIS A 345 -22.08 -17.47 19.66
CA HIS A 345 -20.95 -17.09 18.75
C HIS A 345 -21.05 -17.70 17.37
N ILE A 346 -20.51 -16.99 16.38
CA ILE A 346 -20.64 -17.44 14.99
C ILE A 346 -19.22 -17.76 14.46
N SER A 347 -19.18 -18.61 13.45
CA SER A 347 -17.96 -18.88 12.68
C SER A 347 -17.83 -18.00 11.45
N PRO A 348 -16.59 -17.58 11.12
CA PRO A 348 -16.40 -16.93 9.81
C PRO A 348 -16.61 -17.90 8.65
N SER A 349 -16.90 -17.37 7.48
CA SER A 349 -17.01 -18.11 6.28
C SER A 349 -15.60 -18.24 5.65
N ASN A 350 -15.54 -19.00 4.55
CA ASN A 350 -14.27 -19.25 3.88
C ASN A 350 -14.03 -18.19 2.79
N MET A 351 -14.81 -17.09 2.81
CA MET A 351 -14.61 -16.03 1.82
C MET A 351 -13.19 -15.49 1.86
N THR A 352 -12.70 -15.10 0.68
CA THR A 352 -11.38 -14.53 0.63
C THR A 352 -11.38 -13.11 1.24
N ASN A 353 -10.36 -12.86 2.03
CA ASN A 353 -10.06 -11.53 2.55
C ASN A 353 -9.23 -10.77 1.49
N GLN A 354 -9.85 -9.81 0.81
CA GLN A 354 -9.17 -8.98 -0.21
CA GLN A 354 -9.17 -8.97 -0.18
C GLN A 354 -8.29 -7.89 0.44
N ASN A 355 -8.33 -7.77 1.75
CA ASN A 355 -7.51 -6.80 2.54
C ASN A 355 -6.16 -7.42 2.99
N THR A 356 -5.14 -7.23 2.17
CA THR A 356 -3.89 -7.85 2.61
C THR A 356 -3.31 -7.18 3.85
N PRO A 357 -2.43 -7.89 4.58
CA PRO A 357 -1.84 -7.27 5.80
C PRO A 357 -1.04 -6.03 5.41
N GLU A 358 -0.42 -6.01 4.22
CA GLU A 358 0.28 -4.81 3.80
C GLU A 358 -0.63 -3.65 3.49
N TYR A 359 -1.77 -3.96 2.85
CA TYR A 359 -2.73 -2.90 2.60
C TYR A 359 -3.23 -2.30 3.91
N MET A 360 -3.53 -3.17 4.88
CA MET A 360 -4.07 -2.60 6.17
C MET A 360 -3.02 -1.68 6.88
N GLU A 361 -1.77 -2.11 6.88
CA GLU A 361 -0.69 -1.31 7.49
C GLU A 361 -0.45 -0.08 6.71
N LYS A 362 -0.57 -0.15 5.39
N LYS A 362 -0.56 -0.14 5.39
CA LYS A 362 -0.32 1.06 4.56
CA LYS A 362 -0.31 1.09 4.60
C LYS A 362 -1.38 2.13 4.81
C LYS A 362 -1.39 2.15 4.82
N ILE A 363 -2.65 1.72 4.83
CA ILE A 363 -3.77 2.68 5.06
C ILE A 363 -3.56 3.29 6.49
N LYS A 364 -3.21 2.44 7.47
CA LYS A 364 -3.00 2.88 8.84
C LYS A 364 -1.90 3.94 8.86
N GLN A 365 -0.81 3.68 8.13
CA GLN A 365 0.30 4.65 8.10
C GLN A 365 -0.13 5.99 7.47
N ARG A 366 -0.97 5.94 6.43
CA ARG A 366 -1.47 7.16 5.80
C ARG A 366 -2.37 7.95 6.77
N LEU A 367 -3.18 7.23 7.57
CA LEU A 367 -4.05 7.98 8.51
C LEU A 367 -3.21 8.54 9.63
N PHE A 368 -2.17 7.83 10.08
CA PHE A 368 -1.29 8.31 11.13
C PHE A 368 -0.62 9.63 10.70
N GLU A 369 -0.24 9.76 9.43
N GLU A 369 -0.26 9.76 9.42
CA GLU A 369 0.32 11.02 8.92
CA GLU A 369 0.36 11.00 8.94
C GLU A 369 -0.66 12.13 9.19
C GLU A 369 -0.65 12.17 8.93
N ASN A 370 -1.94 11.86 8.88
CA ASN A 370 -2.96 12.91 9.04
C ASN A 370 -3.18 13.27 10.51
N LEU A 371 -3.12 12.30 11.40
CA LEU A 371 -3.31 12.51 12.82
C LEU A 371 -2.14 13.31 13.40
N ARG A 372 -1.01 13.36 12.71
CA ARG A 372 0.08 14.23 13.17
C ARG A 372 -0.18 15.72 13.03
N MET A 373 -1.17 16.06 12.21
CA MET A 373 -1.48 17.42 11.92
C MET A 373 -2.43 17.98 12.96
N LEU A 374 -2.86 17.19 13.94
CA LEU A 374 -3.70 17.74 15.00
C LEU A 374 -2.81 18.57 15.96
N PRO A 375 -3.32 19.70 16.55
CA PRO A 375 -2.52 20.52 17.49
C PRO A 375 -2.16 19.77 18.81
N HIS A 376 -1.16 20.24 19.53
CA HIS A 376 -0.74 19.60 20.78
C HIS A 376 -0.12 20.59 21.77
N LYS B 9 3.66 22.60 -25.09
CA LYS B 9 3.50 21.12 -24.92
C LYS B 9 2.88 20.48 -26.16
N LYS B 10 3.36 19.31 -26.52
CA LYS B 10 2.69 18.43 -27.50
C LYS B 10 1.36 17.93 -26.88
N LYS B 11 0.30 17.85 -27.68
CA LYS B 11 -1.03 17.45 -27.20
C LYS B 11 -1.15 15.91 -27.25
N VAL B 12 -1.84 15.34 -26.25
CA VAL B 12 -2.01 13.91 -26.11
C VAL B 12 -3.46 13.55 -26.02
N CYS B 13 -3.94 12.66 -26.89
N CYS B 13 -3.87 12.65 -26.92
CA CYS B 13 -5.28 12.11 -26.68
CA CYS B 13 -5.21 12.11 -26.90
C CYS B 13 -5.25 10.61 -26.46
C CYS B 13 -5.09 10.67 -26.28
N TYR B 14 -6.17 10.22 -25.61
CA TYR B 14 -6.13 8.89 -24.95
C TYR B 14 -7.49 8.28 -25.01
N TYR B 15 -7.50 7.03 -25.41
CA TYR B 15 -8.74 6.32 -25.62
C TYR B 15 -9.01 5.30 -24.57
N TYR B 16 -10.22 5.29 -24.06
CA TYR B 16 -10.60 4.27 -23.06
C TYR B 16 -12.09 4.06 -23.03
N ASP B 17 -12.51 2.79 -23.09
CA ASP B 17 -13.90 2.47 -22.91
C ASP B 17 -14.06 1.78 -21.57
N GLY B 18 -14.98 2.32 -20.74
CA GLY B 18 -15.23 1.74 -19.42
C GLY B 18 -15.70 0.30 -19.35
N ASP B 19 -16.12 -0.29 -20.46
CA ASP B 19 -16.59 -1.66 -20.42
C ASP B 19 -15.36 -2.63 -20.68
N ILE B 20 -14.23 -2.06 -21.14
CA ILE B 20 -13.09 -2.95 -21.60
C ILE B 20 -12.64 -3.93 -20.54
N GLY B 21 -12.63 -3.50 -19.27
CA GLY B 21 -12.17 -4.33 -18.17
C GLY B 21 -13.06 -5.49 -17.85
N ASN B 22 -14.31 -5.51 -18.36
CA ASN B 22 -15.25 -6.56 -18.04
C ASN B 22 -15.16 -7.77 -18.99
N TYR B 23 -14.44 -7.67 -20.09
CA TYR B 23 -14.28 -8.81 -21.02
C TYR B 23 -13.32 -9.82 -20.37
N TYR B 24 -13.71 -11.09 -20.39
CA TYR B 24 -12.98 -12.08 -19.62
C TYR B 24 -12.68 -13.27 -20.52
N TYR B 25 -11.39 -13.58 -20.63
CA TYR B 25 -10.93 -14.64 -21.53
C TYR B 25 -11.23 -16.01 -20.95
N GLY B 26 -11.58 -16.09 -19.67
CA GLY B 26 -11.87 -17.42 -19.11
C GLY B 26 -10.94 -17.81 -18.00
N GLN B 27 -11.41 -18.74 -17.16
CA GLN B 27 -10.62 -19.07 -15.97
C GLN B 27 -9.26 -19.68 -16.35
N GLY B 28 -8.24 -19.10 -15.73
CA GLY B 28 -6.83 -19.52 -15.88
C GLY B 28 -6.14 -18.82 -17.07
N HIS B 29 -6.89 -18.10 -17.89
CA HIS B 29 -6.25 -17.51 -19.12
C HIS B 29 -5.44 -16.30 -18.66
N PRO B 30 -4.19 -16.18 -19.10
CA PRO B 30 -3.33 -15.12 -18.56
C PRO B 30 -3.73 -13.73 -19.08
N MET B 31 -4.42 -13.65 -20.23
CA MET B 31 -4.73 -12.31 -20.71
C MET B 31 -5.93 -11.73 -19.92
N LYS B 32 -5.77 -10.56 -19.33
CA LYS B 32 -6.76 -10.01 -18.37
C LYS B 32 -7.08 -8.52 -18.78
N PRO B 33 -8.14 -8.27 -19.54
CA PRO B 33 -8.46 -6.88 -19.99
C PRO B 33 -8.65 -5.98 -18.80
N HIS B 34 -8.96 -6.54 -17.61
CA HIS B 34 -9.01 -5.76 -16.37
C HIS B 34 -7.75 -4.87 -16.15
N ARG B 35 -6.57 -5.31 -16.65
CA ARG B 35 -5.35 -4.51 -16.50
C ARG B 35 -5.49 -3.11 -17.12
N ILE B 36 -6.36 -2.99 -18.13
N ILE B 36 -6.35 -2.99 -18.13
CA ILE B 36 -6.57 -1.70 -18.84
CA ILE B 36 -6.51 -1.70 -18.84
C ILE B 36 -7.33 -0.73 -17.92
C ILE B 36 -7.35 -0.73 -17.94
N ARG B 37 -8.28 -1.31 -17.20
CA ARG B 37 -9.10 -0.57 -16.24
C ARG B 37 -8.20 -0.18 -15.03
N MET B 38 -7.29 -1.06 -14.65
CA MET B 38 -6.36 -0.71 -13.54
C MET B 38 -5.47 0.45 -13.92
N THR B 39 -5.03 0.42 -15.17
CA THR B 39 -4.12 1.43 -15.65
C THR B 39 -4.93 2.76 -15.63
N HIS B 40 -6.12 2.70 -16.25
CA HIS B 40 -6.97 3.91 -16.26
C HIS B 40 -7.22 4.53 -14.83
N ASN B 41 -7.54 3.69 -13.89
CA ASN B 41 -7.87 4.22 -12.59
C ASN B 41 -6.60 4.77 -11.91
N LEU B 42 -5.44 4.14 -12.17
CA LEU B 42 -4.24 4.71 -11.58
C LEU B 42 -3.94 6.07 -12.16
N LEU B 43 -4.02 6.23 -13.48
N LEU B 43 -4.07 6.22 -13.49
CA LEU B 43 -3.69 7.55 -13.98
CA LEU B 43 -3.91 7.55 -14.16
C LEU B 43 -4.79 8.62 -13.66
C LEU B 43 -4.78 8.59 -13.57
N LEU B 44 -6.07 8.24 -13.45
CA LEU B 44 -7.05 9.16 -12.89
C LEU B 44 -6.57 9.64 -11.50
N ASN B 45 -6.11 8.72 -10.65
CA ASN B 45 -5.79 9.06 -9.29
C ASN B 45 -4.47 9.76 -9.19
N TYR B 46 -3.62 9.69 -10.21
CA TYR B 46 -2.44 10.54 -10.27
C TYR B 46 -2.77 11.97 -10.76
N GLY B 47 -3.97 12.15 -11.24
CA GLY B 47 -4.41 13.49 -11.74
C GLY B 47 -4.10 13.76 -13.19
N LEU B 48 -3.67 12.76 -13.93
CA LEU B 48 -3.21 12.98 -15.29
C LEU B 48 -4.35 13.28 -16.27
N TYR B 49 -5.59 13.04 -15.88
CA TYR B 49 -6.71 13.38 -16.78
C TYR B 49 -6.79 14.87 -17.09
N ARG B 50 -6.19 15.71 -16.23
CA ARG B 50 -6.30 17.15 -16.38
C ARG B 50 -5.48 17.58 -17.59
N LYS B 51 -4.51 16.76 -17.99
CA LYS B 51 -3.52 17.12 -18.95
C LYS B 51 -3.76 16.50 -20.32
N MET B 52 -4.79 15.67 -20.43
CA MET B 52 -5.00 15.07 -21.72
C MET B 52 -6.49 14.98 -22.18
N GLU B 53 -6.68 14.82 -23.48
CA GLU B 53 -8.06 14.66 -23.95
C GLU B 53 -8.37 13.20 -23.87
N ILE B 54 -9.40 12.87 -23.12
CA ILE B 54 -9.83 11.49 -22.99
C ILE B 54 -11.07 11.20 -23.82
N TYR B 55 -10.98 10.23 -24.73
CA TYR B 55 -12.12 9.88 -25.57
C TYR B 55 -12.54 8.42 -25.38
N ARG B 56 -13.83 8.15 -25.63
N ARG B 56 -13.82 8.15 -25.63
CA ARG B 56 -14.31 6.80 -25.68
CA ARG B 56 -14.29 6.79 -25.62
C ARG B 56 -14.16 6.37 -27.14
C ARG B 56 -14.28 6.31 -27.08
N PRO B 57 -13.56 5.20 -27.40
CA PRO B 57 -13.50 4.71 -28.75
C PRO B 57 -14.88 4.31 -29.28
N HIS B 58 -15.04 4.49 -30.57
CA HIS B 58 -16.21 3.86 -31.20
C HIS B 58 -15.99 2.35 -31.33
N LYS B 59 -17.07 1.59 -31.59
CA LYS B 59 -16.90 0.15 -31.92
C LYS B 59 -16.54 0.08 -33.39
N ALA B 60 -15.33 -0.36 -33.73
CA ALA B 60 -14.93 -0.41 -35.14
C ALA B 60 -15.90 -1.31 -35.90
N THR B 61 -16.22 -0.91 -37.10
CA THR B 61 -17.19 -1.70 -37.82
C THR B 61 -16.54 -2.84 -38.61
N ALA B 62 -17.35 -3.77 -39.09
CA ALA B 62 -16.84 -4.85 -39.95
C ALA B 62 -16.18 -4.25 -41.19
N GLU B 63 -16.74 -3.19 -41.73
CA GLU B 63 -16.14 -2.49 -42.87
C GLU B 63 -14.74 -1.95 -42.57
N GLU B 64 -14.55 -1.36 -41.37
CA GLU B 64 -13.23 -0.96 -40.94
C GLU B 64 -12.30 -2.15 -40.84
N MET B 65 -12.77 -3.24 -40.24
CA MET B 65 -11.84 -4.43 -39.98
C MET B 65 -11.45 -5.12 -41.27
N THR B 66 -12.37 -5.11 -42.28
CA THR B 66 -12.01 -5.80 -43.48
C THR B 66 -11.16 -4.98 -44.45
N LYS B 67 -10.68 -3.82 -44.01
CA LYS B 67 -9.61 -3.12 -44.73
C LYS B 67 -8.35 -4.00 -44.74
N TYR B 68 -8.22 -4.90 -43.76
CA TYR B 68 -7.14 -5.88 -43.76
C TYR B 68 -7.66 -7.34 -43.71
N HIS B 69 -8.51 -7.66 -42.75
CA HIS B 69 -8.91 -8.99 -42.48
C HIS B 69 -9.89 -9.51 -43.54
N SER B 70 -9.86 -10.81 -43.75
CA SER B 70 -10.84 -11.37 -44.71
C SER B 70 -12.28 -11.27 -44.18
N ASP B 71 -13.18 -11.00 -45.13
CA ASP B 71 -14.62 -10.92 -44.86
C ASP B 71 -15.12 -12.14 -44.12
N GLU B 72 -14.63 -13.32 -44.51
CA GLU B 72 -15.07 -14.56 -43.93
C GLU B 72 -14.66 -14.63 -42.45
N TYR B 73 -13.43 -14.21 -42.18
CA TYR B 73 -12.95 -14.30 -40.79
C TYR B 73 -13.72 -13.30 -39.90
N ILE B 74 -13.93 -12.09 -40.35
CA ILE B 74 -14.67 -11.07 -39.54
C ILE B 74 -16.11 -11.54 -39.32
N LYS B 75 -16.75 -12.05 -40.40
CA LYS B 75 -18.10 -12.60 -40.24
C LYS B 75 -18.13 -13.73 -39.18
N PHE B 76 -17.15 -14.64 -39.17
CA PHE B 76 -17.05 -15.65 -38.13
C PHE B 76 -16.89 -15.03 -36.74
N LEU B 77 -15.99 -14.04 -36.58
CA LEU B 77 -15.84 -13.44 -35.23
C LEU B 77 -17.15 -12.82 -34.76
N ARG B 78 -17.96 -12.30 -35.70
N ARG B 78 -17.93 -12.27 -35.70
CA ARG B 78 -19.16 -11.53 -35.35
CA ARG B 78 -19.19 -11.56 -35.40
C ARG B 78 -20.27 -12.53 -35.03
C ARG B 78 -20.26 -12.55 -34.97
N SER B 79 -20.05 -13.81 -35.31
CA SER B 79 -21.07 -14.88 -35.15
C SER B 79 -20.85 -15.78 -33.99
N ILE B 80 -19.57 -16.03 -33.68
CA ILE B 80 -19.22 -17.11 -32.77
C ILE B 80 -19.50 -16.75 -31.29
N ARG B 81 -20.14 -17.66 -30.55
CA ARG B 81 -20.52 -17.41 -29.16
C ARG B 81 -20.32 -18.71 -28.38
N PRO B 82 -20.13 -18.62 -27.04
CA PRO B 82 -20.01 -19.84 -26.26
C PRO B 82 -21.23 -20.75 -26.50
N ASP B 83 -22.41 -20.18 -26.74
CA ASP B 83 -23.64 -21.02 -26.90
C ASP B 83 -23.84 -21.60 -28.30
N ASN B 84 -22.99 -21.23 -29.27
CA ASN B 84 -23.13 -21.87 -30.58
C ASN B 84 -21.85 -22.52 -31.09
N MET B 85 -20.86 -22.69 -30.21
CA MET B 85 -19.57 -23.24 -30.59
C MET B 85 -19.63 -24.62 -31.19
N SER B 86 -20.56 -25.43 -30.66
CA SER B 86 -20.81 -26.76 -31.21
C SER B 86 -21.04 -26.71 -32.74
N GLU B 87 -21.81 -25.72 -33.21
CA GLU B 87 -22.13 -25.68 -34.64
C GLU B 87 -21.01 -25.13 -35.54
N TYR B 88 -19.93 -24.60 -34.94
CA TYR B 88 -18.91 -23.93 -35.71
C TYR B 88 -17.55 -24.59 -35.53
N SER B 89 -17.54 -25.86 -35.13
CA SER B 89 -16.29 -26.57 -34.87
C SER B 89 -15.28 -26.52 -36.07
N LYS B 90 -15.71 -26.69 -37.31
CA LYS B 90 -14.77 -26.56 -38.47
C LYS B 90 -14.26 -25.12 -38.71
N GLN B 91 -15.14 -24.13 -38.59
CA GLN B 91 -14.69 -22.75 -38.69
C GLN B 91 -13.77 -22.38 -37.52
N MET B 92 -14.04 -22.85 -36.30
CA MET B 92 -13.11 -22.60 -35.19
C MET B 92 -11.71 -23.09 -35.52
N GLN B 93 -11.65 -24.23 -36.17
CA GLN B 93 -10.36 -24.82 -36.53
C GLN B 93 -9.69 -23.99 -37.60
N ARG B 94 -10.45 -23.62 -38.64
CA ARG B 94 -9.93 -22.85 -39.79
C ARG B 94 -9.35 -21.49 -39.29
N PHE B 95 -10.03 -20.86 -38.33
CA PHE B 95 -9.68 -19.46 -37.95
C PHE B 95 -8.87 -19.43 -36.67
N ASN B 96 -8.53 -20.62 -36.17
CA ASN B 96 -7.70 -20.81 -34.99
C ASN B 96 -8.27 -20.17 -33.73
N VAL B 97 -9.57 -20.34 -33.50
CA VAL B 97 -10.23 -19.82 -32.33
C VAL B 97 -10.67 -21.01 -31.52
N GLY B 98 -10.55 -20.90 -30.20
CA GLY B 98 -11.08 -21.90 -29.30
C GLY B 98 -10.08 -22.52 -28.34
N GLU B 99 -8.80 -22.25 -28.51
CA GLU B 99 -7.83 -22.71 -27.50
C GLU B 99 -7.17 -21.53 -26.73
N ASP B 100 -5.96 -21.16 -27.13
CA ASP B 100 -5.27 -19.98 -26.59
C ASP B 100 -5.94 -18.70 -27.00
N CYS B 101 -6.77 -18.74 -28.04
CA CYS B 101 -7.62 -17.57 -28.41
C CYS B 101 -9.05 -18.11 -28.22
N PRO B 102 -9.57 -18.02 -26.99
CA PRO B 102 -10.83 -18.75 -26.67
C PRO B 102 -12.00 -18.01 -27.23
N VAL B 103 -13.16 -18.68 -27.31
CA VAL B 103 -14.38 -17.95 -27.47
C VAL B 103 -14.85 -17.51 -26.10
N PHE B 104 -15.25 -16.25 -25.96
CA PHE B 104 -15.82 -15.73 -24.74
C PHE B 104 -16.93 -14.79 -25.06
N ASP B 105 -17.75 -14.48 -24.03
CA ASP B 105 -18.91 -13.62 -24.23
C ASP B 105 -18.42 -12.23 -24.60
N GLY B 106 -18.99 -11.65 -25.66
CA GLY B 106 -18.60 -10.29 -26.05
C GLY B 106 -17.29 -10.21 -26.82
N LEU B 107 -16.73 -11.33 -27.21
N LEU B 107 -16.78 -11.35 -27.24
CA LEU B 107 -15.50 -11.32 -28.00
CA LEU B 107 -15.56 -11.42 -28.04
C LEU B 107 -15.47 -10.26 -29.10
C LEU B 107 -15.46 -10.34 -29.12
N PHE B 108 -16.50 -10.22 -29.94
CA PHE B 108 -16.46 -9.31 -31.03
C PHE B 108 -16.46 -7.89 -30.58
N GLU B 109 -17.30 -7.57 -29.59
CA GLU B 109 -17.30 -6.21 -29.05
C GLU B 109 -15.93 -5.82 -28.46
N PHE B 110 -15.27 -6.77 -27.75
CA PHE B 110 -13.91 -6.45 -27.25
C PHE B 110 -12.98 -6.11 -28.42
N CYS B 111 -13.03 -6.91 -29.50
CA CYS B 111 -12.23 -6.58 -30.71
C CYS B 111 -12.59 -5.20 -31.30
N GLN B 112 -13.90 -4.90 -31.29
CA GLN B 112 -14.32 -3.62 -31.86
C GLN B 112 -13.80 -2.40 -31.07
N LEU B 113 -13.77 -2.54 -29.75
CA LEU B 113 -13.31 -1.46 -28.90
C LEU B 113 -11.79 -1.30 -28.89
N SER B 114 -11.07 -2.41 -28.90
N SER B 114 -11.09 -2.43 -28.90
N SER B 114 -11.09 -2.44 -28.90
CA SER B 114 -9.61 -2.30 -29.02
CA SER B 114 -9.65 -2.40 -29.03
CA SER B 114 -9.64 -2.42 -29.05
C SER B 114 -9.20 -1.70 -30.37
C SER B 114 -9.22 -1.73 -30.34
C SER B 114 -9.21 -1.74 -30.34
N THR B 115 -9.84 -2.12 -31.45
CA THR B 115 -9.53 -1.58 -32.73
C THR B 115 -9.98 -0.15 -32.89
N GLY B 116 -11.14 0.15 -32.32
CA GLY B 116 -11.73 1.50 -32.48
C GLY B 116 -10.76 2.52 -31.93
N GLY B 117 -10.13 2.21 -30.78
CA GLY B 117 -9.20 3.19 -30.22
C GLY B 117 -7.98 3.41 -31.11
N SER B 118 -7.44 2.36 -31.71
CA SER B 118 -6.25 2.59 -32.51
C SER B 118 -6.54 3.30 -33.83
N VAL B 119 -7.62 2.91 -34.48
CA VAL B 119 -7.95 3.59 -35.74
C VAL B 119 -8.41 5.04 -35.51
N ALA B 120 -9.15 5.26 -34.44
CA ALA B 120 -9.56 6.61 -34.12
C ALA B 120 -8.31 7.48 -33.85
N GLY B 121 -7.31 6.95 -33.10
CA GLY B 121 -6.12 7.71 -32.84
C GLY B 121 -5.41 8.06 -34.13
N ALA B 122 -5.30 7.05 -35.03
CA ALA B 122 -4.60 7.32 -36.30
C ALA B 122 -5.34 8.45 -37.08
N VAL B 123 -6.67 8.42 -37.07
CA VAL B 123 -7.46 9.49 -37.76
C VAL B 123 -7.09 10.86 -37.17
N LYS B 124 -7.04 10.95 -35.85
CA LYS B 124 -6.66 12.20 -35.17
C LYS B 124 -5.28 12.66 -35.50
N LEU B 125 -4.32 11.73 -35.59
CA LEU B 125 -3.01 12.08 -35.99
C LEU B 125 -3.03 12.59 -37.47
N ASN B 126 -3.74 11.91 -38.37
CA ASN B 126 -3.74 12.29 -39.80
C ASN B 126 -4.34 13.69 -39.99
N ARG B 127 -5.31 13.99 -39.16
CA ARG B 127 -5.96 15.32 -39.20
C ARG B 127 -5.19 16.41 -38.44
N GLN B 128 -4.03 16.07 -37.90
CA GLN B 128 -3.19 16.97 -37.17
C GLN B 128 -3.92 17.60 -36.03
N GLN B 129 -4.87 16.87 -35.46
CA GLN B 129 -5.57 17.31 -34.24
C GLN B 129 -4.84 16.95 -32.93
N THR B 130 -3.83 16.07 -32.98
CA THR B 130 -3.07 15.71 -31.81
C THR B 130 -1.67 15.40 -32.29
N ASP B 131 -0.70 15.45 -31.39
CA ASP B 131 0.67 14.99 -31.69
C ASP B 131 0.90 13.52 -31.27
N MET B 132 0.20 13.09 -30.23
N MET B 132 0.14 13.09 -30.27
CA MET B 132 0.30 11.72 -29.74
CA MET B 132 0.29 11.75 -29.72
C MET B 132 -1.08 11.20 -29.46
C MET B 132 -1.09 11.20 -29.47
N ALA B 133 -1.32 9.93 -29.80
CA ALA B 133 -2.58 9.30 -29.45
C ALA B 133 -2.20 8.03 -28.68
N VAL B 134 -2.98 7.66 -27.68
CA VAL B 134 -2.66 6.48 -26.80
C VAL B 134 -3.85 5.57 -26.74
N ASN B 135 -3.65 4.27 -27.01
CA ASN B 135 -4.74 3.32 -26.80
C ASN B 135 -4.17 2.07 -26.16
N TRP B 136 -4.26 2.01 -24.83
CA TRP B 136 -3.64 0.82 -24.16
C TRP B 136 -4.42 -0.47 -24.37
N ALA B 137 -5.64 -0.45 -24.90
CA ALA B 137 -6.39 -1.66 -25.23
C ALA B 137 -5.98 -2.21 -26.58
N GLY B 138 -5.12 -1.53 -27.32
CA GLY B 138 -4.65 -1.97 -28.64
C GLY B 138 -3.29 -2.71 -28.52
N GLY B 139 -2.66 -2.81 -29.66
CA GLY B 139 -1.33 -3.50 -29.73
C GLY B 139 -1.41 -4.98 -29.92
N LEU B 140 -2.48 -5.50 -30.50
N LEU B 140 -2.49 -5.50 -30.49
CA LEU B 140 -2.71 -6.95 -30.59
CA LEU B 140 -2.72 -6.94 -30.60
C LEU B 140 -2.02 -7.52 -31.84
C LEU B 140 -2.01 -7.52 -31.84
N HIS B 141 -0.68 -7.61 -31.74
CA HIS B 141 0.17 -7.71 -32.95
C HIS B 141 0.29 -9.08 -33.57
N HIS B 142 -0.28 -10.12 -32.94
CA HIS B 142 -0.18 -11.47 -33.54
C HIS B 142 -1.32 -11.81 -34.49
N ALA B 143 -2.43 -11.07 -34.44
CA ALA B 143 -3.59 -11.50 -35.34
C ALA B 143 -3.18 -11.42 -36.81
N LYS B 144 -3.64 -12.40 -37.55
CA LYS B 144 -3.31 -12.53 -38.97
C LYS B 144 -4.54 -12.19 -39.84
N LYS B 145 -4.31 -12.07 -41.15
CA LYS B 145 -5.39 -11.64 -42.02
C LYS B 145 -6.67 -12.49 -41.87
N SER B 146 -6.45 -13.79 -41.72
N SER B 146 -6.52 -13.80 -41.75
CA SER B 146 -7.56 -14.70 -41.62
CA SER B 146 -7.70 -14.60 -41.54
C SER B 146 -7.48 -15.68 -40.49
C SER B 146 -7.53 -15.64 -40.48
N GLU B 147 -6.78 -15.34 -39.41
CA GLU B 147 -6.81 -16.24 -38.27
C GLU B 147 -6.39 -15.51 -36.98
N ALA B 148 -6.87 -16.03 -35.87
CA ALA B 148 -6.46 -15.49 -34.56
C ALA B 148 -5.14 -16.14 -34.20
N SER B 149 -4.40 -15.49 -33.31
CA SER B 149 -3.16 -16.10 -32.82
C SER B 149 -2.73 -15.37 -31.57
N GLY B 150 -2.23 -16.13 -30.57
CA GLY B 150 -1.45 -15.47 -29.48
C GLY B 150 -2.30 -14.51 -28.63
N PHE B 151 -3.58 -14.90 -28.44
CA PHE B 151 -4.59 -14.17 -27.66
C PHE B 151 -5.13 -13.00 -28.46
N CYS B 152 -4.75 -12.83 -29.73
CA CYS B 152 -5.18 -11.65 -30.53
C CYS B 152 -6.10 -12.12 -31.62
N TYR B 153 -7.13 -11.33 -31.91
CA TYR B 153 -8.11 -11.73 -32.93
C TYR B 153 -8.16 -10.77 -34.12
N VAL B 154 -8.12 -9.47 -33.86
CA VAL B 154 -8.13 -8.43 -34.89
C VAL B 154 -6.88 -7.64 -34.68
N ASN B 155 -6.17 -7.42 -35.78
CA ASN B 155 -4.89 -6.70 -35.72
C ASN B 155 -5.12 -5.22 -35.83
N ASP B 156 -5.39 -4.61 -34.66
CA ASP B 156 -5.66 -3.15 -34.63
C ASP B 156 -4.46 -2.34 -35.11
N ILE B 157 -3.24 -2.86 -34.94
CA ILE B 157 -2.06 -2.11 -35.38
C ILE B 157 -2.04 -2.03 -36.89
N VAL B 158 -2.26 -3.17 -37.56
CA VAL B 158 -2.22 -3.16 -39.04
C VAL B 158 -3.30 -2.17 -39.52
N LEU B 159 -4.47 -2.22 -38.89
CA LEU B 159 -5.58 -1.31 -39.36
C LEU B 159 -5.21 0.15 -39.12
N ALA B 160 -4.60 0.42 -37.96
CA ALA B 160 -4.13 1.82 -37.69
C ALA B 160 -3.07 2.27 -38.66
N ILE B 161 -2.15 1.38 -39.04
CA ILE B 161 -1.08 1.71 -39.95
C ILE B 161 -1.69 1.93 -41.34
N LEU B 162 -2.70 1.15 -41.69
CA LEU B 162 -3.32 1.40 -43.03
C LEU B 162 -4.00 2.77 -43.01
N GLU B 163 -4.55 3.18 -41.88
CA GLU B 163 -5.13 4.53 -41.81
C GLU B 163 -4.04 5.60 -41.90
N LEU B 164 -2.95 5.44 -41.19
CA LEU B 164 -1.84 6.39 -41.31
C LEU B 164 -1.33 6.49 -42.78
N LEU B 165 -1.27 5.35 -43.49
CA LEU B 165 -0.67 5.37 -44.81
C LEU B 165 -1.58 6.12 -45.78
N LYS B 166 -2.76 6.49 -45.34
CA LYS B 166 -3.57 7.37 -46.24
C LYS B 166 -2.90 8.74 -46.40
N TYR B 167 -2.25 9.25 -45.36
CA TYR B 167 -1.64 10.56 -45.29
C TYR B 167 -0.14 10.57 -45.24
N HIS B 168 0.50 9.42 -44.90
CA HIS B 168 1.92 9.37 -44.69
C HIS B 168 2.60 8.42 -45.59
N GLN B 169 3.58 8.90 -46.37
CA GLN B 169 4.25 8.03 -47.34
C GLN B 169 5.04 6.85 -46.63
N ARG B 170 5.67 7.14 -45.49
CA ARG B 170 6.54 6.18 -44.79
C ARG B 170 6.10 6.22 -43.31
N VAL B 171 5.77 5.04 -42.76
CA VAL B 171 5.36 4.93 -41.35
C VAL B 171 6.33 3.94 -40.72
N LEU B 172 6.80 4.27 -39.53
CA LEU B 172 7.71 3.40 -38.79
C LEU B 172 6.91 2.74 -37.68
N TYR B 173 7.10 1.44 -37.58
CA TYR B 173 6.47 0.67 -36.48
C TYR B 173 7.58 0.13 -35.61
N ILE B 174 7.45 0.35 -34.28
CA ILE B 174 8.50 -0.08 -33.33
C ILE B 174 7.75 -0.96 -32.29
N ASP B 175 8.32 -2.11 -31.97
CA ASP B 175 7.56 -3.09 -31.11
C ASP B 175 8.50 -3.55 -29.98
N ILE B 176 8.18 -3.18 -28.74
CA ILE B 176 9.05 -3.53 -27.58
C ILE B 176 8.32 -4.56 -26.69
N ASP B 177 7.22 -5.16 -27.18
CA ASP B 177 6.73 -6.40 -26.56
C ASP B 177 7.86 -7.43 -26.51
N ILE B 178 7.80 -8.33 -25.55
CA ILE B 178 8.83 -9.39 -25.56
C ILE B 178 8.71 -10.33 -26.80
N HIS B 179 7.52 -10.47 -27.40
CA HIS B 179 7.27 -11.32 -28.58
C HIS B 179 7.50 -10.59 -29.85
N HIS B 180 7.97 -11.34 -30.83
CA HIS B 180 8.02 -10.81 -32.18
C HIS B 180 6.62 -10.35 -32.65
N GLY B 181 6.62 -9.15 -33.24
CA GLY B 181 5.38 -8.63 -33.80
C GLY B 181 5.14 -9.20 -35.20
N ASP B 182 4.81 -10.47 -35.24
CA ASP B 182 4.70 -11.24 -36.49
C ASP B 182 3.52 -10.82 -37.38
N GLY B 183 2.33 -10.57 -36.80
CA GLY B 183 1.15 -10.22 -37.63
C GLY B 183 1.44 -8.89 -38.35
N VAL B 184 2.14 -7.98 -37.68
CA VAL B 184 2.38 -6.64 -38.31
C VAL B 184 3.49 -6.79 -39.37
N GLU B 185 4.58 -7.49 -39.00
CA GLU B 185 5.70 -7.69 -39.95
C GLU B 185 5.17 -8.41 -41.20
N GLU B 186 4.29 -9.36 -41.03
CA GLU B 186 3.77 -10.10 -42.18
C GLU B 186 2.92 -9.22 -43.07
N ALA B 187 2.06 -8.42 -42.45
CA ALA B 187 1.18 -7.54 -43.28
C ALA B 187 1.99 -6.65 -44.22
N PHE B 188 3.14 -6.17 -43.75
CA PHE B 188 3.95 -5.18 -44.47
C PHE B 188 5.29 -5.67 -45.05
N TYR B 189 5.48 -6.98 -45.07
CA TYR B 189 6.80 -7.52 -45.33
C TYR B 189 7.30 -7.23 -46.74
N THR B 190 6.36 -6.99 -47.66
CA THR B 190 6.81 -6.74 -49.06
C THR B 190 6.64 -5.25 -49.46
N THR B 191 6.45 -4.34 -48.51
CA THR B 191 6.40 -2.93 -48.83
C THR B 191 7.48 -2.09 -48.14
N ASP B 192 7.93 -0.99 -48.81
CA ASP B 192 8.83 -0.04 -48.20
C ASP B 192 8.09 1.13 -47.54
N ARG B 193 6.78 1.13 -47.56
CA ARG B 193 6.02 2.24 -46.99
C ARG B 193 5.80 2.04 -45.47
N VAL B 194 6.16 0.84 -44.98
CA VAL B 194 6.16 0.65 -43.53
C VAL B 194 7.46 -0.03 -43.19
N MET B 195 8.23 0.52 -42.27
CA MET B 195 9.38 -0.22 -41.76
C MET B 195 8.95 -0.76 -40.40
N THR B 196 9.14 -2.06 -40.18
CA THR B 196 8.76 -2.62 -38.91
C THR B 196 10.06 -2.97 -38.15
N VAL B 197 10.14 -2.59 -36.86
CA VAL B 197 11.36 -2.84 -36.09
C VAL B 197 10.86 -3.54 -34.81
N SER B 198 11.29 -4.79 -34.61
CA SER B 198 10.86 -5.51 -33.42
C SER B 198 12.10 -5.94 -32.61
N PHE B 199 12.05 -5.71 -31.31
CA PHE B 199 13.02 -6.27 -30.33
C PHE B 199 12.25 -7.34 -29.60
N HIS B 200 12.83 -8.54 -29.47
CA HIS B 200 12.01 -9.61 -28.85
C HIS B 200 12.95 -10.77 -28.42
N LYS B 201 12.40 -11.57 -27.51
CA LYS B 201 13.12 -12.85 -27.23
C LYS B 201 12.99 -13.78 -28.40
N TYR B 202 14.11 -14.45 -28.77
CA TYR B 202 14.03 -15.34 -29.92
C TYR B 202 14.79 -16.66 -29.53
N GLY B 203 14.19 -17.79 -29.90
CA GLY B 203 14.83 -19.13 -29.65
C GLY B 203 13.83 -19.97 -28.92
N GLU B 204 13.12 -20.84 -29.63
CA GLU B 204 12.12 -21.73 -28.99
C GLU B 204 11.10 -20.93 -28.15
N TYR B 205 10.59 -19.86 -28.76
CA TYR B 205 9.73 -18.98 -28.00
C TYR B 205 8.68 -18.52 -28.98
N PHE B 206 7.48 -18.27 -28.47
CA PHE B 206 6.37 -17.81 -29.31
C PHE B 206 6.72 -16.48 -29.95
N PRO B 207 6.42 -16.22 -31.23
CA PRO B 207 5.67 -17.10 -32.13
C PRO B 207 6.60 -17.94 -33.04
N GLY B 208 7.89 -17.77 -32.85
CA GLY B 208 8.94 -18.58 -33.54
C GLY B 208 9.63 -17.85 -34.70
N THR B 209 9.16 -16.64 -34.99
CA THR B 209 9.67 -15.81 -36.08
C THR B 209 10.47 -14.66 -35.59
N GLY B 210 10.98 -13.81 -36.48
CA GLY B 210 11.78 -12.68 -36.03
C GLY B 210 13.24 -13.00 -35.92
N ASP B 211 13.73 -13.82 -36.86
CA ASP B 211 15.18 -14.04 -36.94
C ASP B 211 15.84 -12.75 -37.45
N LEU B 212 17.09 -12.48 -37.04
CA LEU B 212 17.90 -11.40 -37.56
C LEU B 212 17.90 -11.39 -39.11
N ARG B 213 17.79 -12.57 -39.69
CA ARG B 213 17.91 -12.67 -41.16
C ARG B 213 16.61 -12.42 -41.92
N ASP B 214 15.49 -12.20 -41.20
CA ASP B 214 14.22 -11.88 -41.84
C ASP B 214 14.23 -10.37 -42.01
N ILE B 215 14.52 -9.92 -43.25
CA ILE B 215 14.72 -8.52 -43.45
C ILE B 215 13.73 -7.93 -44.47
N GLY B 216 12.72 -8.69 -44.84
CA GLY B 216 11.69 -8.20 -45.81
C GLY B 216 11.94 -8.83 -47.17
N ALA B 217 11.02 -8.57 -48.10
CA ALA B 217 11.08 -9.25 -49.43
C ALA B 217 10.61 -8.30 -50.49
N GLY B 218 11.15 -8.40 -51.73
CA GLY B 218 10.61 -7.55 -52.77
C GLY B 218 10.94 -6.14 -52.54
N LYS B 219 9.97 -5.23 -52.75
CA LYS B 219 10.21 -3.84 -52.52
C LYS B 219 10.44 -3.62 -51.03
N GLY B 220 9.99 -4.59 -50.24
CA GLY B 220 10.21 -4.45 -48.77
C GLY B 220 11.53 -5.00 -48.25
N LYS B 221 12.43 -5.46 -49.13
CA LYS B 221 13.71 -5.90 -48.63
C LYS B 221 14.44 -4.80 -47.95
N TYR B 222 14.93 -5.10 -46.72
CA TYR B 222 15.60 -4.16 -45.83
C TYR B 222 14.64 -3.28 -45.01
N TYR B 223 13.33 -3.45 -45.18
CA TYR B 223 12.33 -2.62 -44.40
C TYR B 223 11.69 -3.41 -43.30
N ALA B 224 12.24 -4.58 -43.00
CA ALA B 224 11.86 -5.24 -41.71
C ALA B 224 13.17 -5.42 -40.93
N VAL B 225 13.13 -5.07 -39.64
CA VAL B 225 14.32 -5.12 -38.79
C VAL B 225 13.95 -5.89 -37.53
N ASN B 226 14.76 -6.91 -37.22
CA ASN B 226 14.48 -7.77 -36.09
C ASN B 226 15.72 -7.85 -35.21
N PHE B 227 15.54 -7.55 -33.90
CA PHE B 227 16.68 -7.69 -32.97
C PHE B 227 16.28 -8.81 -32.00
N PRO B 228 16.83 -10.01 -32.21
CA PRO B 228 16.52 -11.15 -31.36
C PRO B 228 17.40 -11.10 -30.13
N MET B 229 16.78 -11.37 -28.98
CA MET B 229 17.45 -11.31 -27.69
C MET B 229 17.29 -12.60 -26.93
N ARG B 230 18.09 -12.77 -25.86
CA ARG B 230 17.97 -13.88 -24.97
C ARG B 230 17.36 -13.45 -23.63
N ASP B 231 17.02 -14.42 -22.77
CA ASP B 231 16.50 -14.07 -21.44
C ASP B 231 17.36 -13.14 -20.66
N GLY B 232 16.67 -12.34 -19.84
CA GLY B 232 17.36 -11.54 -18.81
C GLY B 232 17.90 -10.21 -19.19
N ILE B 233 17.51 -9.71 -20.38
CA ILE B 233 18.03 -8.42 -20.76
C ILE B 233 17.56 -7.37 -19.73
N ASP B 234 18.45 -6.42 -19.43
CA ASP B 234 18.15 -5.42 -18.39
C ASP B 234 18.12 -4.03 -18.96
N ASP B 235 17.81 -3.02 -18.14
CA ASP B 235 17.60 -1.68 -18.65
C ASP B 235 18.84 -1.09 -19.35
N GLU B 236 19.99 -1.37 -18.74
N GLU B 236 20.02 -1.30 -18.76
CA GLU B 236 21.28 -0.84 -19.18
CA GLU B 236 21.25 -0.68 -19.33
C GLU B 236 21.53 -1.32 -20.61
C GLU B 236 21.52 -1.30 -20.70
N SER B 237 21.40 -2.64 -20.79
CA SER B 237 21.72 -3.33 -22.05
C SER B 237 20.69 -2.97 -23.14
N TYR B 238 19.42 -2.93 -22.77
CA TYR B 238 18.38 -2.70 -23.77
C TYR B 238 18.54 -1.25 -24.24
N GLY B 239 18.81 -0.33 -23.30
CA GLY B 239 18.76 1.07 -23.64
C GLY B 239 19.98 1.41 -24.51
N GLN B 240 21.08 0.68 -24.30
CA GLN B 240 22.28 0.87 -25.16
C GLN B 240 22.15 0.36 -26.57
N ILE B 241 21.22 -0.53 -26.86
CA ILE B 241 20.98 -0.82 -28.26
C ILE B 241 19.77 -0.12 -28.87
N PHE B 242 18.75 0.19 -28.05
CA PHE B 242 17.52 0.77 -28.60
C PHE B 242 17.82 2.16 -29.17
N LYS B 243 18.48 3.05 -28.40
CA LYS B 243 18.64 4.43 -28.91
C LYS B 243 19.45 4.48 -30.22
N PRO B 244 20.60 3.81 -30.31
CA PRO B 244 21.32 3.89 -31.60
C PRO B 244 20.60 3.21 -32.78
N ILE B 245 19.91 2.09 -32.53
N ILE B 245 19.89 2.10 -32.55
CA ILE B 245 19.14 1.47 -33.63
CA ILE B 245 19.18 1.51 -33.66
C ILE B 245 18.04 2.40 -34.11
C ILE B 245 18.04 2.41 -34.12
N ILE B 246 17.25 2.93 -33.19
CA ILE B 246 16.16 3.79 -33.58
C ILE B 246 16.70 5.07 -34.26
N SER B 247 17.78 5.63 -33.71
CA SER B 247 18.35 6.84 -34.37
C SER B 247 18.80 6.56 -35.78
N LYS B 248 19.40 5.41 -36.02
CA LYS B 248 19.85 5.11 -37.40
C LYS B 248 18.67 4.88 -38.29
N VAL B 249 17.66 4.16 -37.77
CA VAL B 249 16.45 3.98 -38.54
C VAL B 249 15.83 5.31 -38.89
N MET B 250 15.73 6.21 -37.93
CA MET B 250 15.11 7.50 -38.26
C MET B 250 15.94 8.26 -39.36
N GLU B 251 17.25 8.24 -39.20
CA GLU B 251 18.17 8.90 -40.20
C GLU B 251 18.02 8.30 -41.60
N MET B 252 17.95 6.98 -41.74
CA MET B 252 17.92 6.37 -43.02
C MET B 252 16.53 6.31 -43.64
N TYR B 253 15.52 6.06 -42.80
CA TYR B 253 14.19 5.85 -43.30
C TYR B 253 13.38 7.11 -43.38
N GLN B 254 13.57 8.05 -42.45
N GLN B 254 13.58 8.06 -42.46
CA GLN B 254 12.83 9.33 -42.40
CA GLN B 254 12.81 9.32 -42.40
C GLN B 254 11.31 9.19 -42.49
C GLN B 254 11.30 9.17 -42.50
N PRO B 255 10.72 8.47 -41.52
CA PRO B 255 9.31 8.28 -41.51
C PRO B 255 8.61 9.58 -41.17
N SER B 256 7.36 9.67 -41.55
CA SER B 256 6.58 10.86 -41.17
C SER B 256 5.57 10.59 -40.04
N ALA B 257 5.46 9.29 -39.62
CA ALA B 257 4.58 8.92 -38.49
C ALA B 257 5.20 7.70 -37.86
N VAL B 258 4.90 7.52 -36.57
CA VAL B 258 5.49 6.37 -35.83
C VAL B 258 4.37 5.72 -35.01
N VAL B 259 4.37 4.41 -35.03
CA VAL B 259 3.51 3.59 -34.13
C VAL B 259 4.43 2.78 -33.23
N LEU B 260 4.16 2.91 -31.93
CA LEU B 260 5.02 2.26 -30.92
C LEU B 260 4.12 1.32 -30.10
N GLN B 261 4.41 0.06 -30.22
CA GLN B 261 3.66 -0.99 -29.41
C GLN B 261 4.47 -1.15 -28.16
N CYS B 262 3.85 -0.91 -27.00
CA CYS B 262 4.50 -0.86 -25.68
C CYS B 262 4.07 -2.08 -24.88
N GLY B 263 4.15 -3.25 -25.46
CA GLY B 263 3.77 -4.52 -24.72
C GLY B 263 4.65 -4.58 -23.44
N ALA B 264 3.98 -4.83 -22.32
CA ALA B 264 4.61 -4.78 -21.01
C ALA B 264 5.03 -6.20 -20.52
N ASP B 265 4.91 -7.18 -21.36
CA ASP B 265 5.46 -8.55 -21.10
C ASP B 265 6.97 -8.61 -21.17
N SER B 266 7.61 -7.52 -21.60
CA SER B 266 9.06 -7.38 -21.49
C SER B 266 9.56 -6.92 -20.11
N LEU B 267 8.64 -6.69 -19.16
CA LEU B 267 9.07 -6.27 -17.82
C LEU B 267 9.56 -7.39 -16.96
N SER B 268 10.48 -7.06 -16.09
CA SER B 268 10.87 -7.96 -15.03
C SER B 268 9.64 -8.55 -14.27
N GLY B 269 9.67 -9.85 -14.04
CA GLY B 269 8.61 -10.42 -13.17
C GLY B 269 7.34 -10.78 -13.96
N ASP B 270 7.34 -10.60 -15.27
CA ASP B 270 6.13 -10.94 -16.04
C ASP B 270 5.81 -12.40 -15.92
N ARG B 271 4.53 -12.75 -15.80
CA ARG B 271 4.14 -14.15 -15.65
C ARG B 271 4.59 -15.02 -16.82
N LEU B 272 4.62 -14.47 -18.02
CA LEU B 272 4.96 -15.30 -19.21
C LEU B 272 6.31 -14.93 -19.86
N GLY B 273 6.85 -13.80 -19.50
CA GLY B 273 8.04 -13.28 -20.16
C GLY B 273 9.28 -13.51 -19.31
N CYS B 274 10.42 -13.39 -19.99
N CYS B 274 10.46 -13.42 -19.91
N CYS B 274 10.44 -13.49 -19.96
CA CYS B 274 11.73 -13.76 -19.48
CA CYS B 274 11.67 -13.66 -19.14
CA CYS B 274 11.69 -13.71 -19.25
C CYS B 274 12.74 -12.60 -19.50
C CYS B 274 12.72 -12.58 -19.37
C CYS B 274 12.73 -12.61 -19.49
N PHE B 275 12.29 -11.35 -19.63
CA PHE B 275 13.22 -10.24 -19.60
C PHE B 275 13.28 -9.62 -18.20
N ASN B 276 14.21 -8.68 -18.03
CA ASN B 276 14.39 -8.10 -16.70
C ASN B 276 14.43 -6.59 -16.79
N LEU B 277 13.50 -5.99 -17.57
CA LEU B 277 13.41 -4.53 -17.65
C LEU B 277 12.53 -3.94 -16.52
N THR B 278 12.93 -2.79 -16.09
CA THR B 278 12.08 -2.05 -15.11
C THR B 278 11.12 -1.18 -15.91
N VAL B 279 10.21 -0.53 -15.19
CA VAL B 279 9.30 0.45 -15.80
C VAL B 279 10.09 1.60 -16.38
N LYS B 280 11.09 2.12 -15.69
CA LYS B 280 11.95 3.15 -16.26
C LYS B 280 12.63 2.73 -17.50
N GLY B 281 13.15 1.51 -17.50
CA GLY B 281 13.85 1.07 -18.71
C GLY B 281 12.94 0.86 -19.90
N HIS B 282 11.72 0.45 -19.64
CA HIS B 282 10.80 0.24 -20.74
C HIS B 282 10.39 1.62 -21.20
N ALA B 283 10.07 2.51 -20.26
CA ALA B 283 9.60 3.86 -20.64
C ALA B 283 10.66 4.78 -21.33
N LYS B 284 11.93 4.48 -21.12
N LYS B 284 11.94 4.47 -21.13
CA LYS B 284 12.99 5.20 -21.84
CA LYS B 284 13.04 5.15 -21.84
C LYS B 284 12.75 5.08 -23.35
C LYS B 284 12.85 5.02 -23.35
N CYS B 285 12.15 3.96 -23.80
CA CYS B 285 11.92 3.78 -25.25
C CYS B 285 10.94 4.84 -25.70
N VAL B 286 9.92 5.13 -24.87
CA VAL B 286 8.97 6.17 -25.23
C VAL B 286 9.70 7.52 -25.27
N GLU B 287 10.55 7.80 -24.27
CA GLU B 287 11.27 9.06 -24.30
C GLU B 287 12.12 9.23 -25.54
N VAL B 288 12.88 8.19 -25.89
CA VAL B 288 13.69 8.23 -27.14
C VAL B 288 12.84 8.52 -28.36
N VAL B 289 11.70 7.80 -28.52
CA VAL B 289 10.91 8.00 -29.74
C VAL B 289 10.35 9.40 -29.79
N LYS B 290 9.92 9.92 -28.65
CA LYS B 290 9.40 11.28 -28.62
C LYS B 290 10.42 12.38 -29.06
N THR B 291 11.72 12.14 -28.88
CA THR B 291 12.74 13.16 -29.23
C THR B 291 12.73 13.45 -30.72
N PHE B 292 12.14 12.59 -31.54
CA PHE B 292 12.07 12.84 -32.99
C PHE B 292 10.94 13.76 -33.46
N ASN B 293 10.04 14.12 -32.54
N ASN B 293 10.02 14.10 -32.56
CA ASN B 293 8.91 15.05 -32.81
CA ASN B 293 8.94 15.06 -32.82
C ASN B 293 8.11 14.65 -34.05
C ASN B 293 8.04 14.67 -34.00
N LEU B 294 7.74 13.37 -34.11
CA LEU B 294 6.87 12.86 -35.18
C LEU B 294 5.54 12.48 -34.58
N PRO B 295 4.46 12.58 -35.35
CA PRO B 295 3.13 12.12 -34.87
C PRO B 295 3.34 10.68 -34.38
N LEU B 296 2.75 10.38 -33.20
CA LEU B 296 3.09 9.08 -32.57
C LEU B 296 1.80 8.44 -32.04
N LEU B 297 1.57 7.16 -32.39
CA LEU B 297 0.45 6.42 -31.82
C LEU B 297 1.11 5.40 -30.90
N MET B 298 0.69 5.42 -29.66
N MET B 298 0.68 5.40 -29.66
CA MET B 298 1.25 4.53 -28.66
CA MET B 298 1.26 4.52 -28.67
C MET B 298 0.16 3.51 -28.35
C MET B 298 0.17 3.51 -28.30
N LEU B 299 0.54 2.22 -28.37
CA LEU B 299 -0.46 1.16 -28.14
C LEU B 299 0.07 0.21 -27.08
N GLY B 300 -0.89 -0.55 -26.52
CA GLY B 300 -0.58 -1.53 -25.48
C GLY B 300 0.01 -2.80 -26.12
N GLY B 301 -0.24 -3.95 -25.52
CA GLY B 301 0.36 -5.16 -26.05
C GLY B 301 0.28 -6.13 -24.91
N GLY B 302 1.21 -7.07 -24.82
CA GLY B 302 1.13 -8.07 -23.81
C GLY B 302 1.41 -7.51 -22.41
N GLY B 303 1.40 -8.40 -21.43
CA GLY B 303 1.70 -7.99 -20.05
C GLY B 303 0.71 -8.80 -19.17
N TYR B 304 1.32 -9.61 -18.31
CA TYR B 304 0.56 -10.68 -17.60
C TYR B 304 0.77 -10.66 -16.13
N THR B 305 1.62 -9.76 -15.62
CA THR B 305 1.64 -9.45 -14.14
C THR B 305 0.94 -8.13 -14.01
N ILE B 306 -0.34 -8.18 -13.71
CA ILE B 306 -1.18 -6.99 -14.09
C ILE B 306 -0.90 -5.77 -13.25
N ARG B 307 -0.41 -5.99 -12.02
CA ARG B 307 0.02 -4.79 -11.25
C ARG B 307 1.18 -4.03 -11.95
N ASN B 308 2.07 -4.76 -12.64
CA ASN B 308 3.20 -4.08 -13.28
C ASN B 308 2.83 -3.55 -14.64
N VAL B 309 1.81 -4.13 -15.27
CA VAL B 309 1.31 -3.54 -16.54
C VAL B 309 0.67 -2.15 -16.19
N ALA B 310 -0.11 -2.09 -15.10
CA ALA B 310 -0.75 -0.80 -14.77
C ALA B 310 0.32 0.22 -14.44
N ARG B 311 1.33 -0.20 -13.67
CA ARG B 311 2.44 0.76 -13.38
C ARG B 311 3.09 1.27 -14.71
N CYS B 312 3.42 0.33 -15.60
CA CYS B 312 4.18 0.68 -16.81
C CYS B 312 3.37 1.67 -17.66
N TRP B 313 2.14 1.30 -17.97
CA TRP B 313 1.41 2.16 -18.90
C TRP B 313 0.96 3.50 -18.22
N THR B 314 0.82 3.50 -16.94
CA THR B 314 0.60 4.80 -16.24
C THR B 314 1.84 5.69 -16.38
N TYR B 315 3.02 5.11 -16.15
CA TYR B 315 4.25 5.94 -16.25
C TYR B 315 4.47 6.33 -17.71
N GLU B 316 4.18 5.44 -18.68
CA GLU B 316 4.41 5.83 -20.09
C GLU B 316 3.43 6.93 -20.51
N THR B 317 2.24 6.94 -19.94
CA THR B 317 1.27 8.03 -20.22
C THR B 317 1.86 9.36 -19.69
N ALA B 318 2.40 9.30 -18.49
CA ALA B 318 3.07 10.50 -17.88
C ALA B 318 4.23 10.94 -18.75
N VAL B 319 5.04 9.99 -19.28
CA VAL B 319 6.15 10.37 -20.16
C VAL B 319 5.61 11.03 -21.42
N ALA B 320 4.51 10.53 -21.97
CA ALA B 320 3.92 11.11 -23.16
C ALA B 320 3.53 12.59 -22.86
N LEU B 321 3.06 12.83 -21.64
CA LEU B 321 2.56 14.18 -21.18
C LEU B 321 3.72 15.07 -20.71
N ASP B 322 4.93 14.54 -20.65
N ASP B 322 4.94 14.56 -20.79
CA ASP B 322 6.05 15.28 -20.09
CA ASP B 322 6.16 15.27 -20.37
C ASP B 322 5.77 15.64 -18.62
C ASP B 322 6.04 15.70 -18.92
N CYS B 323 5.29 14.68 -17.85
N CYS B 323 5.45 14.79 -18.11
CA CYS B 323 4.86 14.91 -16.46
CA CYS B 323 5.24 14.96 -16.67
C CYS B 323 5.67 13.92 -15.65
C CYS B 323 6.11 13.98 -15.89
N GLU B 324 6.44 14.35 -14.64
CA GLU B 324 6.94 13.38 -13.70
C GLU B 324 5.79 13.14 -12.70
N ILE B 325 5.74 11.90 -12.23
CA ILE B 325 4.73 11.56 -11.24
C ILE B 325 5.50 10.90 -10.09
N PRO B 326 4.97 11.04 -8.87
CA PRO B 326 5.74 10.50 -7.74
C PRO B 326 5.75 8.95 -7.70
N ASN B 327 6.78 8.42 -7.06
CA ASN B 327 6.87 6.96 -6.91
C ASN B 327 5.81 6.47 -5.93
N GLU B 328 5.37 7.30 -4.97
CA GLU B 328 4.38 6.83 -4.02
C GLU B 328 3.03 6.70 -4.76
N LEU B 329 2.43 5.49 -4.79
CA LEU B 329 1.20 5.40 -5.58
C LEU B 329 0.06 6.15 -4.85
N PRO B 330 -0.81 6.83 -5.56
CA PRO B 330 -1.98 7.44 -4.91
C PRO B 330 -2.95 6.31 -4.54
N TYR B 331 -3.81 6.58 -3.58
CA TYR B 331 -4.89 5.62 -3.34
C TYR B 331 -5.72 5.47 -4.63
N ASN B 332 -6.27 4.27 -4.85
CA ASN B 332 -7.02 4.00 -6.06
C ASN B 332 -7.87 2.76 -5.84
N ASP B 333 -8.76 2.46 -6.79
CA ASP B 333 -9.72 1.36 -6.65
C ASP B 333 -9.06 0.02 -6.47
N TYR B 334 -7.78 -0.10 -6.88
CA TYR B 334 -7.09 -1.39 -6.85
C TYR B 334 -5.84 -1.30 -6.01
N PHE B 335 -5.84 -0.48 -4.97
CA PHE B 335 -4.58 -0.17 -4.30
C PHE B 335 -3.92 -1.43 -3.70
N GLU B 336 -4.76 -2.38 -3.14
CA GLU B 336 -4.19 -3.61 -2.63
C GLU B 336 -3.41 -4.49 -3.61
N TYR B 337 -3.68 -4.33 -4.91
CA TYR B 337 -2.89 -5.11 -5.88
C TYR B 337 -1.43 -4.70 -5.98
N PHE B 338 -1.06 -3.55 -5.43
CA PHE B 338 0.29 -2.97 -5.61
C PHE B 338 1.18 -3.18 -4.41
N GLY B 339 0.72 -3.97 -3.46
CA GLY B 339 1.63 -4.31 -2.36
C GLY B 339 2.76 -5.24 -2.85
N PRO B 340 3.81 -5.42 -2.05
CA PRO B 340 3.86 -4.93 -0.66
C PRO B 340 4.35 -3.54 -0.49
N ASP B 341 4.86 -2.92 -1.58
CA ASP B 341 5.58 -1.67 -1.44
C ASP B 341 4.67 -0.46 -1.83
N PHE B 342 3.65 -0.68 -2.68
CA PHE B 342 2.74 0.44 -3.10
C PHE B 342 3.56 1.60 -3.74
N LYS B 343 4.56 1.17 -4.53
CA LYS B 343 5.35 2.18 -5.34
C LYS B 343 5.06 1.97 -6.80
N LEU B 344 5.33 3.02 -7.59
CA LEU B 344 5.08 2.92 -9.04
C LEU B 344 6.20 2.11 -9.71
N HIS B 345 7.43 2.38 -9.30
CA HIS B 345 8.59 1.77 -9.98
C HIS B 345 8.94 0.40 -9.40
N ILE B 346 9.48 -0.49 -10.25
CA ILE B 346 9.82 -1.82 -9.82
C ILE B 346 11.32 -2.08 -9.91
N SER B 347 11.77 -3.04 -9.10
CA SER B 347 13.16 -3.38 -9.11
C SER B 347 13.41 -4.53 -10.06
N PRO B 348 14.59 -4.57 -10.65
CA PRO B 348 14.92 -5.73 -11.44
C PRO B 348 15.18 -6.93 -10.53
N SER B 349 15.13 -8.11 -11.12
CA SER B 349 15.46 -9.35 -10.36
C SER B 349 16.93 -9.71 -10.52
N ASN B 350 17.34 -10.79 -9.79
CA ASN B 350 18.71 -11.22 -9.87
C ASN B 350 18.88 -12.23 -11.03
N MET B 351 17.94 -12.29 -11.98
CA MET B 351 18.13 -13.24 -13.09
C MET B 351 19.37 -12.93 -13.90
N THR B 352 20.05 -13.98 -14.40
CA THR B 352 21.18 -13.67 -15.29
C THR B 352 20.76 -13.03 -16.63
N ASN B 353 21.52 -12.03 -17.05
CA ASN B 353 21.35 -11.50 -18.40
C ASN B 353 22.17 -12.38 -19.39
N GLN B 354 21.48 -13.17 -20.19
CA GLN B 354 22.15 -14.08 -21.14
CA GLN B 354 22.19 -14.05 -21.13
C GLN B 354 22.66 -13.34 -22.39
N ASN B 355 22.30 -12.05 -22.54
CA ASN B 355 22.77 -11.23 -23.63
C ASN B 355 24.10 -10.59 -23.28
N THR B 356 25.17 -11.23 -23.74
CA THR B 356 26.48 -10.59 -23.45
C THR B 356 26.69 -9.28 -24.17
N PRO B 357 27.64 -8.46 -23.68
CA PRO B 357 27.89 -7.21 -24.38
C PRO B 357 28.36 -7.40 -25.79
N GLU B 358 29.14 -8.48 -26.05
CA GLU B 358 29.60 -8.73 -27.41
C GLU B 358 28.46 -9.20 -28.33
N TYR B 359 27.55 -10.03 -27.79
CA TYR B 359 26.36 -10.46 -28.53
C TYR B 359 25.56 -9.21 -28.96
N MET B 360 25.29 -8.32 -28.01
N MET B 360 25.30 -8.32 -28.01
CA MET B 360 24.47 -7.13 -28.37
CA MET B 360 24.50 -7.11 -28.33
C MET B 360 25.12 -6.27 -29.43
C MET B 360 25.13 -6.28 -29.42
N GLU B 361 26.45 -6.05 -29.31
CA GLU B 361 27.14 -5.23 -30.31
C GLU B 361 27.24 -5.90 -31.66
N LYS B 362 27.45 -7.21 -31.67
CA LYS B 362 27.52 -7.93 -32.91
C LYS B 362 26.19 -7.91 -33.64
N ILE B 363 25.08 -8.09 -32.92
CA ILE B 363 23.80 -8.07 -33.60
C ILE B 363 23.52 -6.64 -34.08
N LYS B 364 23.82 -5.64 -33.23
CA LYS B 364 23.69 -4.22 -33.62
C LYS B 364 24.48 -3.88 -34.90
N GLN B 365 25.69 -4.43 -35.00
CA GLN B 365 26.50 -4.18 -36.17
C GLN B 365 25.89 -4.82 -37.39
N ARG B 366 25.37 -6.06 -37.26
CA ARG B 366 24.69 -6.73 -38.39
C ARG B 366 23.47 -5.92 -38.87
N LEU B 367 22.67 -5.41 -37.91
CA LEU B 367 21.49 -4.59 -38.33
C LEU B 367 21.93 -3.29 -38.98
N PHE B 368 23.02 -2.71 -38.47
CA PHE B 368 23.48 -1.43 -39.01
C PHE B 368 23.94 -1.65 -40.47
N GLU B 369 24.49 -2.81 -40.78
CA GLU B 369 24.84 -3.17 -42.17
C GLU B 369 23.63 -3.25 -43.09
N ASN B 370 22.54 -3.81 -42.57
CA ASN B 370 21.32 -3.83 -43.36
C ASN B 370 20.73 -2.45 -43.51
N LEU B 371 20.84 -1.60 -42.50
CA LEU B 371 20.20 -0.29 -42.60
C LEU B 371 20.95 0.60 -43.61
N ARG B 372 22.24 0.35 -43.76
CA ARG B 372 23.04 1.06 -44.75
C ARG B 372 22.65 0.70 -46.16
N MET B 373 21.87 -0.36 -46.34
CA MET B 373 21.44 -0.75 -47.68
C MET B 373 20.19 -0.01 -48.15
N LEU B 374 19.58 0.79 -47.29
CA LEU B 374 18.46 1.66 -47.68
C LEU B 374 18.91 2.83 -48.60
N PRO B 375 18.02 3.26 -49.54
CA PRO B 375 18.30 4.45 -50.36
C PRO B 375 18.47 5.74 -49.58
N LYS C 9 41.29 -16.21 4.99
CA LYS C 9 40.35 -15.49 5.90
C LYS C 9 39.28 -14.74 5.10
N LYS C 10 38.50 -13.90 5.78
CA LYS C 10 37.34 -13.26 5.14
C LYS C 10 37.63 -11.83 4.66
N LYS C 11 37.04 -11.44 3.53
CA LYS C 11 37.26 -10.12 2.95
C LYS C 11 36.29 -9.07 3.54
N VAL C 12 36.84 -7.88 3.85
CA VAL C 12 36.09 -6.79 4.51
C VAL C 12 36.16 -5.50 3.71
N CYS C 13 34.99 -4.99 3.26
CA CYS C 13 34.92 -3.72 2.55
C CYS C 13 34.39 -2.69 3.57
N TYR C 14 34.97 -1.50 3.58
CA TYR C 14 34.66 -0.54 4.60
C TYR C 14 34.40 0.80 3.92
N TYR C 15 33.33 1.51 4.36
CA TYR C 15 32.83 2.71 3.70
C TYR C 15 33.03 3.92 4.57
N TYR C 16 33.59 4.96 3.98
CA TYR C 16 33.82 6.15 4.76
C TYR C 16 33.99 7.28 3.80
N ASP C 17 33.30 8.36 4.11
CA ASP C 17 33.48 9.62 3.42
C ASP C 17 34.04 10.61 4.38
N GLY C 18 35.20 11.17 4.00
CA GLY C 18 35.92 12.12 4.81
C GLY C 18 35.17 13.36 5.21
N ASP C 19 34.11 13.72 4.47
CA ASP C 19 33.23 14.83 4.91
C ASP C 19 32.25 14.54 6.04
N ILE C 20 31.99 13.26 6.32
CA ILE C 20 30.89 12.93 7.24
C ILE C 20 31.07 13.59 8.60
N GLY C 21 32.31 13.70 9.08
CA GLY C 21 32.54 14.37 10.39
C GLY C 21 32.26 15.86 10.50
N ASN C 22 32.02 16.50 9.36
CA ASN C 22 31.74 17.94 9.37
C ASN C 22 30.27 18.35 9.53
N TYR C 23 29.34 17.39 9.42
CA TYR C 23 27.98 17.69 9.68
C TYR C 23 27.73 17.88 11.13
N TYR C 24 26.97 18.91 11.42
CA TYR C 24 26.77 19.35 12.75
C TYR C 24 25.32 19.50 13.07
N TYR C 25 24.83 18.73 14.03
CA TYR C 25 23.42 18.83 14.38
C TYR C 25 23.00 20.05 15.10
N GLY C 26 23.94 20.81 15.63
CA GLY C 26 23.50 22.00 16.35
C GLY C 26 24.03 21.98 17.77
N GLN C 27 24.16 23.17 18.36
CA GLN C 27 24.72 23.32 19.71
C GLN C 27 23.87 22.55 20.72
N GLY C 28 24.54 21.72 21.51
CA GLY C 28 23.83 21.02 22.54
C GLY C 28 23.23 19.68 22.10
N HIS C 29 23.20 19.41 20.78
CA HIS C 29 22.50 18.17 20.35
C HIS C 29 23.49 17.01 20.58
N PRO C 30 23.00 15.93 21.20
CA PRO C 30 23.97 14.87 21.49
C PRO C 30 24.50 14.07 20.32
N MET C 31 23.82 14.06 19.15
CA MET C 31 24.33 13.32 18.01
C MET C 31 25.51 14.01 17.36
N LYS C 32 26.67 13.34 17.31
CA LYS C 32 27.92 14.00 16.80
C LYS C 32 28.55 13.21 15.71
N PRO C 33 28.31 13.55 14.43
CA PRO C 33 28.90 12.83 13.33
C PRO C 33 30.45 12.76 13.36
N HIS C 34 31.08 13.71 14.01
CA HIS C 34 32.52 13.67 14.24
C HIS C 34 32.96 12.34 14.93
N ARG C 35 32.07 11.67 15.69
CA ARG C 35 32.47 10.34 16.22
C ARG C 35 32.88 9.34 15.14
N ILE C 36 32.37 9.52 13.92
N ILE C 36 32.35 9.48 13.91
CA ILE C 36 32.71 8.61 12.83
CA ILE C 36 32.74 8.55 12.85
C ILE C 36 34.16 8.85 12.38
C ILE C 36 34.15 8.84 12.34
N ARG C 37 34.53 10.11 12.37
CA ARG C 37 35.90 10.53 11.93
C ARG C 37 36.91 10.11 13.03
N MET C 38 36.53 10.21 14.29
CA MET C 38 37.34 9.64 15.38
C MET C 38 37.54 8.17 15.25
N THR C 39 36.42 7.48 14.98
CA THR C 39 36.53 6.05 14.74
C THR C 39 37.51 5.71 13.63
N HIS C 40 37.37 6.39 12.50
CA HIS C 40 38.17 6.10 11.36
C HIS C 40 39.71 6.36 11.63
N ASN C 41 39.95 7.41 12.34
CA ASN C 41 41.34 7.82 12.60
C ASN C 41 41.98 6.79 13.57
N LEU C 42 41.22 6.32 14.56
N LEU C 42 41.20 6.34 14.57
CA LEU C 42 41.77 5.34 15.48
CA LEU C 42 41.67 5.32 15.52
C LEU C 42 42.08 4.05 14.69
C LEU C 42 42.00 4.02 14.81
N LEU C 43 41.12 3.60 13.89
CA LEU C 43 41.36 2.38 13.15
C LEU C 43 42.50 2.47 12.14
N LEU C 44 42.72 3.63 11.51
CA LEU C 44 43.84 3.81 10.59
C LEU C 44 45.17 3.70 11.37
N ASN C 45 45.20 4.33 12.53
CA ASN C 45 46.37 4.23 13.43
C ASN C 45 46.69 2.88 14.07
N TYR C 46 45.70 2.00 14.15
CA TYR C 46 45.94 0.62 14.49
C TYR C 46 46.44 -0.22 13.34
N GLY C 47 46.47 0.38 12.17
CA GLY C 47 46.94 -0.33 10.97
C GLY C 47 45.88 -1.22 10.33
N LEU C 48 44.61 -1.03 10.67
CA LEU C 48 43.55 -1.90 10.14
C LEU C 48 43.17 -1.64 8.67
N TYR C 49 43.54 -0.47 8.15
CA TYR C 49 43.49 -0.17 6.70
C TYR C 49 44.35 -1.08 5.82
N ARG C 50 45.42 -1.65 6.37
CA ARG C 50 46.27 -2.53 5.58
C ARG C 50 45.48 -3.78 5.23
N LYS C 51 44.42 -4.04 6.01
CA LYS C 51 43.70 -5.30 5.94
C LYS C 51 42.31 -5.22 5.30
N MET C 52 41.85 -4.02 4.96
CA MET C 52 40.52 -3.93 4.27
C MET C 52 40.47 -2.99 3.07
N GLU C 53 39.49 -3.19 2.19
CA GLU C 53 39.31 -2.28 1.09
C GLU C 53 38.44 -1.12 1.56
N ILE C 54 38.99 0.08 1.43
CA ILE C 54 38.31 1.28 1.93
C ILE C 54 37.72 2.03 0.73
N TYR C 55 36.39 2.20 0.72
CA TYR C 55 35.68 2.89 -0.36
C TYR C 55 34.97 4.11 0.12
N ARG C 56 34.95 5.14 -0.74
CA ARG C 56 34.22 6.36 -0.46
C ARG C 56 32.81 6.13 -1.04
N PRO C 57 31.76 6.15 -0.20
CA PRO C 57 30.44 5.86 -0.80
C PRO C 57 29.95 6.97 -1.78
N HIS C 58 29.29 6.59 -2.87
N HIS C 58 29.24 6.54 -2.83
CA HIS C 58 28.55 7.58 -3.66
CA HIS C 58 28.39 7.38 -3.71
C HIS C 58 27.39 8.02 -2.80
C HIS C 58 27.27 7.95 -2.90
N LYS C 59 26.95 9.24 -3.05
CA LYS C 59 25.76 9.79 -2.37
C LYS C 59 24.51 9.08 -2.92
N ALA C 60 23.66 8.54 -2.05
CA ALA C 60 22.38 7.93 -2.49
C ALA C 60 21.56 8.99 -3.11
N THR C 61 20.92 8.70 -4.24
CA THR C 61 20.04 9.71 -4.81
C THR C 61 18.71 9.83 -4.08
N ALA C 62 17.99 10.93 -4.32
CA ALA C 62 16.62 11.14 -3.82
C ALA C 62 15.76 10.00 -4.38
N GLU C 63 15.99 9.60 -5.64
CA GLU C 63 15.19 8.50 -6.22
C GLU C 63 15.42 7.19 -5.50
N GLU C 64 16.67 6.85 -5.17
CA GLU C 64 16.97 5.66 -4.37
C GLU C 64 16.22 5.76 -3.02
N MET C 65 16.19 6.93 -2.39
CA MET C 65 15.51 7.00 -1.08
C MET C 65 14.02 6.72 -1.18
N THR C 66 13.41 7.07 -2.31
CA THR C 66 11.96 6.87 -2.49
C THR C 66 11.59 5.44 -2.85
N LYS C 67 12.56 4.53 -2.85
CA LYS C 67 12.19 3.15 -2.89
C LYS C 67 11.45 2.76 -1.63
N TYR C 68 11.69 3.50 -0.54
CA TYR C 68 10.95 3.27 0.69
C TYR C 68 10.22 4.53 1.15
N HIS C 69 10.94 5.65 1.25
CA HIS C 69 10.27 6.84 1.84
C HIS C 69 9.35 7.50 0.85
N SER C 70 8.44 8.26 1.40
CA SER C 70 7.47 8.94 0.50
C SER C 70 8.16 10.08 -0.27
N ASP C 71 7.70 10.32 -1.50
CA ASP C 71 8.27 11.41 -2.27
C ASP C 71 8.14 12.76 -1.60
N GLU C 72 7.00 13.06 -0.95
CA GLU C 72 6.77 14.38 -0.35
C GLU C 72 7.75 14.54 0.81
N TYR C 73 8.04 13.44 1.54
CA TYR C 73 9.01 13.56 2.64
C TYR C 73 10.42 13.80 2.16
N ILE C 74 10.86 13.10 1.11
CA ILE C 74 12.20 13.24 0.59
C ILE C 74 12.34 14.63 -0.06
N LYS C 75 11.30 15.12 -0.71
N LYS C 75 11.32 15.10 -0.77
CA LYS C 75 11.38 16.49 -1.35
CA LYS C 75 11.35 16.46 -1.35
C LYS C 75 11.51 17.52 -0.25
C LYS C 75 11.54 17.48 -0.24
N PHE C 76 10.82 17.25 0.87
CA PHE C 76 10.93 18.18 2.03
C PHE C 76 12.35 18.18 2.56
N LEU C 77 12.95 16.98 2.80
CA LEU C 77 14.33 16.87 3.30
C LEU C 77 15.32 17.58 2.37
N ARG C 78 15.03 17.49 1.06
CA ARG C 78 15.94 18.11 0.07
C ARG C 78 15.79 19.64 0.03
N SER C 79 14.65 20.15 0.48
CA SER C 79 14.30 21.58 0.36
C SER C 79 14.52 22.41 1.62
N ILE C 80 14.34 21.78 2.78
CA ILE C 80 14.34 22.54 4.01
C ILE C 80 15.77 23.06 4.37
N ARG C 81 15.83 24.26 4.93
CA ARG C 81 17.13 24.89 5.28
C ARG C 81 16.91 25.70 6.54
N PRO C 82 17.98 25.96 7.32
CA PRO C 82 17.72 26.73 8.54
C PRO C 82 17.06 28.05 8.28
N ASP C 83 17.32 28.63 7.13
CA ASP C 83 16.83 29.97 6.86
C ASP C 83 15.46 29.98 6.22
N ASN C 84 14.86 28.81 5.94
CA ASN C 84 13.56 28.83 5.27
C ASN C 84 12.49 28.15 6.07
N MET C 85 12.82 27.74 7.29
CA MET C 85 11.81 27.01 8.10
C MET C 85 10.44 27.65 8.30
N SER C 86 10.36 28.99 8.24
CA SER C 86 9.08 29.67 8.40
C SER C 86 8.10 29.42 7.24
N GLU C 87 8.58 29.06 6.06
CA GLU C 87 7.72 28.69 4.95
C GLU C 87 7.28 27.23 5.01
N TYR C 88 7.83 26.45 5.96
CA TYR C 88 7.58 25.02 5.97
C TYR C 88 7.05 24.54 7.32
N SER C 89 6.41 25.40 8.12
CA SER C 89 5.96 24.96 9.45
C SER C 89 4.92 23.81 9.41
N LYS C 90 4.01 23.83 8.45
CA LYS C 90 3.09 22.69 8.34
C LYS C 90 3.81 21.36 7.99
N GLN C 91 4.73 21.41 7.05
N GLN C 91 4.73 21.45 7.04
CA GLN C 91 5.50 20.21 6.69
CA GLN C 91 5.59 20.35 6.62
C GLN C 91 6.44 19.78 7.84
C GLN C 91 6.42 19.82 7.80
N MET C 92 7.02 20.73 8.60
CA MET C 92 7.82 20.31 9.74
C MET C 92 6.98 19.48 10.73
N GLN C 93 5.74 19.89 10.96
CA GLN C 93 4.86 19.15 11.87
C GLN C 93 4.53 17.78 11.24
N ARG C 94 4.19 17.80 9.95
CA ARG C 94 3.84 16.54 9.26
C ARG C 94 4.98 15.54 9.30
N PHE C 95 6.20 16.02 9.18
CA PHE C 95 7.34 15.06 8.97
C PHE C 95 8.21 14.96 10.23
N ASN C 96 7.74 15.63 11.31
CA ASN C 96 8.44 15.56 12.64
C ASN C 96 9.88 16.05 12.51
N VAL C 97 10.09 17.17 11.78
CA VAL C 97 11.43 17.69 11.68
C VAL C 97 11.44 19.04 12.40
N GLY C 98 12.52 19.32 13.15
CA GLY C 98 12.66 20.67 13.72
C GLY C 98 13.01 20.67 15.18
N GLU C 99 12.77 19.55 15.86
CA GLU C 99 13.09 19.53 17.30
C GLU C 99 14.27 18.58 17.60
N ASP C 100 13.95 17.35 18.01
CA ASP C 100 14.97 16.34 18.23
C ASP C 100 15.64 15.93 16.93
N CYS C 101 14.95 16.14 15.80
CA CYS C 101 15.55 15.92 14.47
C CYS C 101 15.63 17.31 13.85
N PRO C 102 16.69 18.07 14.17
CA PRO C 102 16.73 19.46 13.74
C PRO C 102 16.97 19.62 12.24
N VAL C 103 16.66 20.82 11.74
CA VAL C 103 17.17 21.26 10.46
C VAL C 103 18.57 21.80 10.63
N PHE C 104 19.53 21.20 9.95
CA PHE C 104 20.91 21.74 9.95
C PHE C 104 21.48 21.88 8.55
N ASP C 105 22.53 22.69 8.38
CA ASP C 105 23.14 22.86 7.05
C ASP C 105 23.66 21.54 6.51
N GLY C 106 23.25 21.18 5.29
CA GLY C 106 23.80 19.95 4.69
C GLY C 106 23.02 18.66 5.14
N LEU C 107 21.90 18.83 5.87
CA LEU C 107 21.07 17.67 6.32
C LEU C 107 20.89 16.63 5.21
N PHE C 108 20.44 17.10 4.06
CA PHE C 108 20.21 16.15 2.97
C PHE C 108 21.43 15.41 2.54
N GLU C 109 22.55 16.12 2.37
CA GLU C 109 23.78 15.42 1.98
C GLU C 109 24.26 14.45 3.06
N PHE C 110 24.06 14.78 4.32
CA PHE C 110 24.41 13.82 5.41
C PHE C 110 23.61 12.51 5.24
N CYS C 111 22.33 12.64 4.94
CA CYS C 111 21.48 11.44 4.65
C CYS C 111 21.94 10.70 3.41
N GLN C 112 22.39 11.44 2.37
CA GLN C 112 22.86 10.75 1.18
C GLN C 112 24.14 9.93 1.43
N LEU C 113 25.02 10.42 2.27
CA LEU C 113 26.29 9.74 2.56
C LEU C 113 26.08 8.54 3.48
N SER C 114 25.28 8.70 4.52
N SER C 114 25.27 8.73 4.52
CA SER C 114 24.99 7.58 5.40
CA SER C 114 24.89 7.67 5.44
C SER C 114 24.25 6.49 4.62
C SER C 114 24.24 6.52 4.65
N THR C 115 23.25 6.85 3.82
CA THR C 115 22.53 5.83 3.03
C THR C 115 23.41 5.23 1.99
N GLY C 116 24.24 6.08 1.36
CA GLY C 116 25.08 5.63 0.25
C GLY C 116 25.97 4.47 0.68
N GLY C 117 26.54 4.60 1.88
CA GLY C 117 27.44 3.57 2.39
C GLY C 117 26.72 2.25 2.62
N SER C 118 25.50 2.31 3.16
CA SER C 118 24.78 1.08 3.45
C SER C 118 24.34 0.34 2.20
N VAL C 119 23.79 1.09 1.24
CA VAL C 119 23.34 0.55 0.01
C VAL C 119 24.53 0.01 -0.81
N ALA C 120 25.63 0.77 -0.83
CA ALA C 120 26.83 0.29 -1.59
C ALA C 120 27.30 -1.03 -1.01
N GLY C 121 27.28 -1.12 0.31
CA GLY C 121 27.67 -2.35 1.00
C GLY C 121 26.80 -3.50 0.61
N ALA C 122 25.49 -3.27 0.57
CA ALA C 122 24.58 -4.35 0.22
C ALA C 122 24.83 -4.83 -1.23
N VAL C 123 25.06 -3.87 -2.14
CA VAL C 123 25.35 -4.19 -3.53
C VAL C 123 26.63 -5.03 -3.61
N LYS C 124 27.65 -4.67 -2.84
CA LYS C 124 28.89 -5.44 -2.86
C LYS C 124 28.67 -6.89 -2.35
N LEU C 125 27.84 -7.02 -1.33
CA LEU C 125 27.51 -8.39 -0.86
C LEU C 125 26.66 -9.16 -1.88
N ASN C 126 25.70 -8.51 -2.51
CA ASN C 126 24.87 -9.20 -3.51
C ASN C 126 25.76 -9.70 -4.68
N ARG C 127 26.75 -8.90 -5.07
CA ARG C 127 27.64 -9.27 -6.17
C ARG C 127 28.71 -10.27 -5.74
N GLN C 128 28.74 -10.64 -4.46
CA GLN C 128 29.68 -11.62 -3.94
C GLN C 128 31.14 -11.16 -4.02
N GLN C 129 31.32 -9.84 -3.96
CA GLN C 129 32.61 -9.18 -4.08
C GLN C 129 33.26 -8.98 -2.71
N THR C 130 32.51 -9.32 -1.64
CA THR C 130 33.03 -9.25 -0.28
C THR C 130 32.24 -10.16 0.64
N ASP C 131 32.79 -10.47 1.81
CA ASP C 131 32.12 -11.29 2.79
C ASP C 131 31.40 -10.44 3.85
N MET C 132 31.99 -9.28 4.14
N MET C 132 32.00 -9.28 4.12
CA MET C 132 31.54 -8.33 5.14
CA MET C 132 31.57 -8.33 5.12
C MET C 132 31.72 -6.92 4.56
C MET C 132 31.70 -6.93 4.54
N ALA C 133 30.72 -6.08 4.83
CA ALA C 133 30.75 -4.68 4.48
C ALA C 133 30.41 -3.91 5.75
N VAL C 134 31.11 -2.78 5.95
CA VAL C 134 31.00 -2.00 7.18
C VAL C 134 30.71 -0.56 6.82
N ASN C 135 29.70 0.03 7.46
CA ASN C 135 29.36 1.44 7.28
C ASN C 135 29.00 2.04 8.62
N TRP C 136 29.98 2.61 9.34
CA TRP C 136 29.72 3.14 10.62
C TRP C 136 28.87 4.41 10.62
N ALA C 137 28.68 5.03 9.44
CA ALA C 137 27.84 6.23 9.40
C ALA C 137 26.36 5.82 9.14
N GLY C 138 26.14 4.52 8.98
CA GLY C 138 24.77 3.94 8.82
C GLY C 138 24.14 3.54 10.17
N GLY C 139 22.98 2.91 10.08
CA GLY C 139 22.33 2.41 11.29
C GLY C 139 21.24 3.27 11.83
N LEU C 140 20.66 4.15 10.98
N LEU C 140 20.63 4.07 10.96
CA LEU C 140 19.75 5.18 11.50
CA LEU C 140 19.74 5.14 11.38
C LEU C 140 18.33 4.62 11.57
C LEU C 140 18.32 4.56 11.51
N HIS C 141 18.16 3.69 12.51
CA HIS C 141 17.04 2.81 12.52
C HIS C 141 15.65 3.37 12.86
N HIS C 142 15.55 4.62 13.31
CA HIS C 142 14.27 5.16 13.71
C HIS C 142 13.48 5.80 12.59
N ALA C 143 14.16 6.13 11.50
CA ALA C 143 13.43 6.90 10.45
C ALA C 143 12.29 6.05 9.88
N LYS C 144 11.16 6.69 9.58
N LYS C 144 11.14 6.68 9.64
CA LYS C 144 9.95 6.06 9.05
CA LYS C 144 9.96 6.05 9.08
C LYS C 144 9.68 6.50 7.60
C LYS C 144 9.70 6.52 7.65
N LYS C 145 8.69 5.90 6.97
N LYS C 145 8.68 5.94 7.06
CA LYS C 145 8.46 6.19 5.53
CA LYS C 145 8.43 6.14 5.64
C LYS C 145 8.30 7.68 5.30
C LYS C 145 8.28 7.64 5.31
N SER C 146 7.54 8.32 6.17
CA SER C 146 7.26 9.75 5.98
C SER C 146 7.45 10.53 7.26
N GLU C 147 8.44 10.14 8.08
CA GLU C 147 8.74 11.04 9.21
C GLU C 147 10.10 10.73 9.78
N ALA C 148 10.74 11.79 10.25
CA ALA C 148 12.01 11.68 10.94
C ALA C 148 11.67 11.27 12.36
N SER C 149 12.66 10.66 13.04
CA SER C 149 12.41 10.26 14.41
C SER C 149 13.80 10.02 15.06
N GLY C 150 13.95 10.46 16.33
CA GLY C 150 15.08 9.94 17.14
C GLY C 150 16.45 10.23 16.50
N PHE C 151 16.57 11.43 15.88
CA PHE C 151 17.79 11.91 15.23
C PHE C 151 18.06 11.30 13.86
N CYS C 152 17.11 10.48 13.37
CA CYS C 152 17.29 9.75 12.10
C CYS C 152 16.28 10.38 11.09
N TYR C 153 16.76 10.53 9.86
CA TYR C 153 15.83 11.10 8.82
C TYR C 153 15.57 10.14 7.70
N VAL C 154 16.57 9.37 7.27
CA VAL C 154 16.38 8.44 6.16
C VAL C 154 16.87 7.08 6.67
N ASN C 155 16.04 6.06 6.44
CA ASN C 155 16.34 4.79 7.00
C ASN C 155 17.27 4.02 6.08
N ASP C 156 18.58 4.18 6.32
CA ASP C 156 19.54 3.52 5.41
C ASP C 156 19.47 1.98 5.54
N ILE C 157 19.03 1.51 6.72
CA ILE C 157 19.04 0.08 6.95
C ILE C 157 17.94 -0.54 6.09
N VAL C 158 16.77 0.07 6.09
CA VAL C 158 15.68 -0.45 5.26
C VAL C 158 16.08 -0.47 3.79
N LEU C 159 16.67 0.64 3.33
CA LEU C 159 17.03 0.67 1.91
C LEU C 159 18.11 -0.40 1.61
N ALA C 160 19.05 -0.61 2.54
CA ALA C 160 20.05 -1.65 2.27
C ALA C 160 19.42 -3.03 2.24
N ILE C 161 18.46 -3.27 3.15
CA ILE C 161 17.81 -4.59 3.16
C ILE C 161 16.96 -4.80 1.89
N LEU C 162 16.29 -3.75 1.41
CA LEU C 162 15.54 -3.87 0.12
C LEU C 162 16.55 -4.26 -0.95
N GLU C 163 17.75 -3.68 -0.91
CA GLU C 163 18.73 -4.10 -1.92
C GLU C 163 19.16 -5.59 -1.75
N LEU C 164 19.43 -6.02 -0.51
CA LEU C 164 19.77 -7.48 -0.28
C LEU C 164 18.69 -8.44 -0.73
N LEU C 165 17.46 -8.01 -0.56
CA LEU C 165 16.31 -8.84 -0.95
C LEU C 165 16.22 -9.12 -2.45
N LYS C 166 16.94 -8.37 -3.27
CA LYS C 166 17.01 -8.77 -4.70
C LYS C 166 17.74 -10.11 -4.89
N TYR C 167 18.67 -10.42 -4.00
CA TYR C 167 19.56 -11.58 -4.17
C TYR C 167 19.44 -12.64 -3.08
N HIS C 168 18.70 -12.29 -2.02
CA HIS C 168 18.58 -13.17 -0.79
C HIS C 168 17.16 -13.39 -0.46
N GLN C 169 16.76 -14.64 -0.31
CA GLN C 169 15.39 -14.94 0.00
C GLN C 169 15.01 -14.52 1.43
N ARG C 170 15.93 -14.71 2.39
CA ARG C 170 15.66 -14.40 3.79
C ARG C 170 16.85 -13.58 4.32
N VAL C 171 16.51 -12.47 4.96
CA VAL C 171 17.57 -11.60 5.52
C VAL C 171 17.28 -11.46 7.01
N LEU C 172 18.30 -11.59 7.86
CA LEU C 172 18.14 -11.41 9.28
C LEU C 172 18.74 -10.07 9.69
N TYR C 173 17.98 -9.28 10.47
CA TYR C 173 18.43 -7.96 10.95
C TYR C 173 18.53 -8.13 12.46
N ILE C 174 19.69 -7.77 13.04
CA ILE C 174 19.87 -7.87 14.48
C ILE C 174 20.31 -6.51 14.96
N ASP C 175 19.71 -6.06 16.04
CA ASP C 175 19.86 -4.71 16.47
C ASP C 175 20.26 -4.65 17.94
N ILE C 176 21.52 -4.24 18.21
CA ILE C 176 22.02 -4.17 19.63
C ILE C 176 22.22 -2.77 20.11
N ASP C 177 21.72 -1.79 19.33
CA ASP C 177 21.49 -0.47 19.88
C ASP C 177 20.62 -0.55 21.13
N ILE C 178 20.79 0.37 22.05
CA ILE C 178 19.96 0.31 23.25
C ILE C 178 18.43 0.58 23.02
N HIS C 179 18.13 1.25 21.89
CA HIS C 179 16.75 1.56 21.57
C HIS C 179 16.16 0.51 20.59
N HIS C 180 14.85 0.37 20.68
CA HIS C 180 14.13 -0.49 19.75
C HIS C 180 14.33 0.06 18.32
N GLY C 181 14.71 -0.82 17.41
CA GLY C 181 14.85 -0.46 15.99
C GLY C 181 13.47 -0.42 15.31
N ASP C 182 12.70 0.56 15.71
CA ASP C 182 11.28 0.58 15.34
C ASP C 182 11.07 0.83 13.84
N GLY C 183 11.89 1.70 13.24
CA GLY C 183 11.66 2.01 11.80
C GLY C 183 11.89 0.73 10.95
N VAL C 184 12.86 -0.09 11.31
CA VAL C 184 13.20 -1.29 10.56
C VAL C 184 12.14 -2.36 10.82
N GLU C 185 11.78 -2.54 12.11
CA GLU C 185 10.74 -3.48 12.42
C GLU C 185 9.45 -3.15 11.66
N GLU C 186 9.08 -1.87 11.64
CA GLU C 186 7.80 -1.47 11.01
C GLU C 186 7.87 -1.74 9.51
N ALA C 187 9.00 -1.44 8.86
CA ALA C 187 9.14 -1.69 7.42
C ALA C 187 8.87 -3.12 7.00
N PHE C 188 9.33 -4.05 7.84
CA PHE C 188 9.24 -5.44 7.53
C PHE C 188 8.21 -6.23 8.38
N TYR C 189 7.32 -5.52 9.09
CA TYR C 189 6.50 -6.17 10.11
C TYR C 189 5.58 -7.24 9.48
N THR C 190 5.24 -7.10 8.19
CA THR C 190 4.26 -8.09 7.62
C THR C 190 4.91 -9.04 6.64
N THR C 191 6.25 -9.11 6.66
CA THR C 191 6.92 -10.07 5.79
C THR C 191 7.72 -11.10 6.56
N ASP C 192 7.78 -12.29 5.96
CA ASP C 192 8.70 -13.33 6.43
C ASP C 192 10.06 -13.32 5.73
N ARG C 193 10.28 -12.42 4.78
CA ARG C 193 11.55 -12.36 4.10
C ARG C 193 12.61 -11.60 4.85
N VAL C 194 12.16 -10.91 5.89
CA VAL C 194 13.14 -10.25 6.80
C VAL C 194 12.68 -10.58 8.20
N MET C 195 13.59 -11.17 8.96
CA MET C 195 13.33 -11.38 10.43
C MET C 195 14.09 -10.28 11.21
N THR C 196 13.41 -9.54 12.06
CA THR C 196 14.07 -8.46 12.78
C THR C 196 14.17 -8.88 14.22
N VAL C 197 15.33 -8.73 14.82
CA VAL C 197 15.54 -9.14 16.20
C VAL C 197 16.19 -7.96 16.94
N SER C 198 15.48 -7.40 17.90
CA SER C 198 16.01 -6.22 18.61
C SER C 198 16.09 -6.53 20.11
N PHE C 199 17.27 -6.21 20.65
CA PHE C 199 17.44 -6.15 22.12
C PHE C 199 17.49 -4.71 22.55
N HIS C 200 16.74 -4.32 23.58
CA HIS C 200 16.62 -2.88 23.86
C HIS C 200 16.07 -2.64 25.22
N LYS C 201 16.37 -1.46 25.73
CA LYS C 201 15.68 -1.00 26.90
C LYS C 201 14.21 -0.71 26.61
N TYR C 202 13.33 -1.14 27.50
CA TYR C 202 11.89 -0.98 27.30
C TYR C 202 11.23 -0.54 28.58
N GLY C 203 10.33 0.42 28.50
CA GLY C 203 9.58 0.92 29.68
C GLY C 203 9.86 2.40 29.94
N GLU C 204 8.92 3.27 29.61
CA GLU C 204 9.16 4.73 29.79
C GLU C 204 10.51 5.15 29.16
N TYR C 205 10.74 4.70 27.94
CA TYR C 205 12.02 5.00 27.30
C TYR C 205 11.70 5.10 25.78
N PHE C 206 12.47 5.92 25.09
CA PHE C 206 12.23 6.09 23.60
C PHE C 206 12.55 4.79 22.91
N PRO C 207 11.81 4.43 21.86
CA PRO C 207 10.70 5.20 21.29
C PRO C 207 9.35 4.75 21.83
N GLY C 208 9.35 3.75 22.68
CA GLY C 208 8.08 3.33 23.31
C GLY C 208 7.57 2.00 22.82
N THR C 209 8.13 1.50 21.73
CA THR C 209 7.68 0.25 21.08
C THR C 209 8.65 -0.92 21.38
N GLY C 210 8.38 -2.09 20.84
CA GLY C 210 9.29 -3.21 21.03
C GLY C 210 8.91 -4.04 22.26
N ASP C 211 7.61 -4.12 22.47
CA ASP C 211 7.06 -5.05 23.54
C ASP C 211 7.37 -6.49 23.20
N LEU C 212 7.52 -7.33 24.23
CA LEU C 212 7.66 -8.75 24.01
C LEU C 212 6.54 -9.31 23.09
N ARG C 213 5.34 -8.74 23.21
CA ARG C 213 4.18 -9.27 22.45
C ARG C 213 4.13 -8.86 20.97
N ASP C 214 5.03 -7.96 20.56
CA ASP C 214 5.02 -7.47 19.15
C ASP C 214 5.84 -8.48 18.33
N ILE C 215 5.16 -9.39 17.61
CA ILE C 215 5.86 -10.51 17.00
C ILE C 215 5.59 -10.50 15.50
N GLY C 216 5.03 -9.40 14.99
CA GLY C 216 4.79 -9.34 13.52
C GLY C 216 3.32 -9.63 13.21
N ALA C 217 2.98 -9.47 11.94
CA ALA C 217 1.55 -9.67 11.48
C ALA C 217 1.50 -10.26 10.10
N GLY C 218 0.36 -10.86 9.76
CA GLY C 218 0.24 -11.41 8.43
C GLY C 218 1.24 -12.51 8.24
N LYS C 219 1.87 -12.57 7.03
CA LYS C 219 2.92 -13.56 6.80
C LYS C 219 4.15 -13.33 7.67
N GLY C 220 4.20 -12.14 8.26
CA GLY C 220 5.34 -11.77 9.11
C GLY C 220 5.08 -12.19 10.56
N LYS C 221 3.97 -12.86 10.85
CA LYS C 221 3.78 -13.25 12.28
C LYS C 221 4.87 -14.28 12.65
N TYR C 222 5.51 -14.00 13.79
CA TYR C 222 6.69 -14.67 14.35
C TYR C 222 8.00 -14.24 13.76
N TYR C 223 7.99 -13.28 12.84
CA TYR C 223 9.22 -12.85 12.21
C TYR C 223 9.69 -11.53 12.73
N ALA C 224 9.14 -11.10 13.86
CA ALA C 224 9.68 -9.92 14.55
C ALA C 224 9.89 -10.43 16.00
N VAL C 225 11.07 -10.15 16.54
CA VAL C 225 11.48 -10.68 17.83
C VAL C 225 11.99 -9.49 18.64
N ASN C 226 11.45 -9.34 19.85
CA ASN C 226 11.85 -8.25 20.73
C ASN C 226 12.22 -8.83 22.09
N PHE C 227 13.37 -8.40 22.55
CA PHE C 227 13.87 -8.73 23.94
C PHE C 227 13.94 -7.44 24.74
N PRO C 228 12.85 -7.05 25.42
CA PRO C 228 12.78 -5.83 26.22
C PRO C 228 13.58 -5.99 27.54
N MET C 229 14.39 -5.04 27.85
CA MET C 229 15.28 -5.10 29.05
C MET C 229 15.08 -3.90 29.92
N ARG C 230 15.50 -4.03 31.19
CA ARG C 230 15.57 -2.89 32.06
C ARG C 230 17.01 -2.32 32.12
N ASP C 231 17.15 -1.24 32.87
CA ASP C 231 18.45 -0.56 33.07
C ASP C 231 19.51 -1.50 33.61
N GLY C 232 20.75 -1.24 33.26
CA GLY C 232 21.88 -1.84 33.99
C GLY C 232 22.34 -3.17 33.53
N ILE C 233 21.82 -3.65 32.38
CA ILE C 233 22.33 -4.95 31.92
C ILE C 233 23.83 -4.94 31.71
N ASP C 234 24.48 -6.06 32.09
CA ASP C 234 25.95 -6.14 32.03
C ASP C 234 26.39 -7.20 31.02
N ASP C 235 27.68 -7.29 30.76
CA ASP C 235 28.21 -8.15 29.71
C ASP C 235 27.77 -9.60 29.92
N GLU C 236 27.80 -10.07 31.18
CA GLU C 236 27.43 -11.48 31.43
C GLU C 236 25.94 -11.78 31.17
N SER C 237 25.04 -10.94 31.68
CA SER C 237 23.59 -11.12 31.53
C SER C 237 23.23 -11.01 30.02
N TYR C 238 23.87 -10.08 29.35
CA TYR C 238 23.52 -9.82 27.91
C TYR C 238 24.04 -10.95 27.06
N GLY C 239 25.28 -11.38 27.30
CA GLY C 239 25.84 -12.40 26.46
C GLY C 239 25.18 -13.78 26.63
N GLN C 240 24.66 -14.03 27.84
CA GLN C 240 23.93 -15.28 28.13
C GLN C 240 22.54 -15.29 27.48
N ILE C 241 22.02 -14.14 27.05
CA ILE C 241 20.76 -14.20 26.25
C ILE C 241 21.00 -14.05 24.73
N PHE C 242 22.03 -13.30 24.35
CA PHE C 242 22.27 -13.02 22.96
C PHE C 242 22.63 -14.29 22.20
N LYS C 243 23.63 -15.02 22.69
CA LYS C 243 24.07 -16.17 21.92
C LYS C 243 23.00 -17.27 21.74
N PRO C 244 22.30 -17.67 22.81
CA PRO C 244 21.27 -18.70 22.59
C PRO C 244 20.12 -18.23 21.69
N ILE C 245 19.66 -16.97 21.88
CA ILE C 245 18.60 -16.42 21.01
C ILE C 245 19.04 -16.43 19.53
N ILE C 246 20.20 -15.83 19.21
CA ILE C 246 20.63 -15.73 17.83
C ILE C 246 20.89 -17.13 17.27
N SER C 247 21.46 -18.02 18.11
CA SER C 247 21.66 -19.43 17.64
C SER C 247 20.35 -20.11 17.21
N LYS C 248 19.31 -19.91 17.98
CA LYS C 248 18.01 -20.53 17.72
C LYS C 248 17.42 -19.79 16.50
N VAL C 249 17.56 -18.46 16.46
CA VAL C 249 17.07 -17.75 15.21
C VAL C 249 17.74 -18.29 13.94
N MET C 250 19.06 -18.47 13.97
CA MET C 250 19.83 -18.98 12.82
C MET C 250 19.33 -20.37 12.43
N GLU C 251 19.08 -21.20 13.44
CA GLU C 251 18.59 -22.53 13.22
C GLU C 251 17.22 -22.58 12.56
N MET C 252 16.26 -21.80 13.07
CA MET C 252 14.85 -21.85 12.67
C MET C 252 14.67 -21.06 11.38
N TYR C 253 15.39 -19.95 11.25
CA TYR C 253 15.10 -19.01 10.11
C TYR C 253 16.03 -19.24 8.89
N GLN C 254 17.25 -19.71 9.13
CA GLN C 254 18.17 -20.04 8.05
C GLN C 254 18.31 -18.87 7.04
N PRO C 255 18.78 -17.69 7.51
CA PRO C 255 18.92 -16.56 6.59
C PRO C 255 20.06 -16.75 5.63
N SER C 256 20.10 -16.00 4.51
CA SER C 256 21.24 -16.09 3.64
C SER C 256 22.08 -14.83 3.70
N ALA C 257 21.59 -13.81 4.41
CA ALA C 257 22.43 -12.60 4.69
C ALA C 257 22.02 -12.03 5.99
N VAL C 258 22.93 -11.28 6.63
CA VAL C 258 22.64 -10.75 7.96
C VAL C 258 23.05 -9.27 7.97
N VAL C 259 22.22 -8.45 8.63
CA VAL C 259 22.56 -7.03 8.82
C VAL C 259 22.60 -6.83 10.31
N LEU C 260 23.73 -6.34 10.83
CA LEU C 260 23.90 -6.13 12.25
C LEU C 260 24.07 -4.63 12.53
N GLN C 261 23.11 -4.04 13.26
CA GLN C 261 23.18 -2.67 13.69
C GLN C 261 23.90 -2.66 15.02
N CYS C 262 25.04 -1.98 15.08
CA CYS C 262 25.89 -2.08 16.31
C CYS C 262 25.88 -0.82 17.08
N GLY C 263 24.72 -0.19 17.24
CA GLY C 263 24.57 1.03 18.05
C GLY C 263 25.34 0.91 19.39
N ALA C 264 26.18 1.91 19.66
CA ALA C 264 27.09 1.88 20.81
C ALA C 264 26.50 2.65 22.01
N ASP C 265 25.23 3.09 21.92
CA ASP C 265 24.55 3.70 23.06
C ASP C 265 24.13 2.67 24.15
N SER C 266 24.43 1.40 23.90
CA SER C 266 24.19 0.33 24.90
C SER C 266 25.45 0.15 25.74
N LEU C 267 26.50 0.95 25.50
CA LEU C 267 27.76 0.88 26.32
C LEU C 267 27.60 1.60 27.67
N SER C 268 28.31 1.07 28.69
CA SER C 268 28.41 1.69 29.99
C SER C 268 28.95 3.12 29.77
N GLY C 269 28.34 4.05 30.48
CA GLY C 269 28.77 5.46 30.51
C GLY C 269 28.27 6.24 29.28
N ASP C 270 27.32 5.63 28.53
CA ASP C 270 26.75 6.42 27.45
C ASP C 270 25.98 7.62 27.98
N ARG C 271 26.10 8.78 27.33
CA ARG C 271 25.38 9.97 27.78
C ARG C 271 23.86 9.84 27.84
N LEU C 272 23.29 9.05 26.93
CA LEU C 272 21.82 8.92 26.90
C LEU C 272 21.35 7.52 27.33
N GLY C 273 22.21 6.52 27.22
CA GLY C 273 21.78 5.12 27.47
C GLY C 273 22.00 4.72 28.93
N CYS C 274 21.36 3.64 29.35
N CYS C 274 21.40 3.62 29.38
CA CYS C 274 21.41 3.17 30.74
CA CYS C 274 21.58 3.18 30.76
C CYS C 274 21.85 1.70 30.86
C CYS C 274 21.87 1.70 30.87
N PHE C 275 22.57 1.18 29.87
CA PHE C 275 23.11 -0.16 29.91
C PHE C 275 24.52 -0.13 30.50
N ASN C 276 25.06 -1.31 30.82
CA ASN C 276 26.37 -1.38 31.45
C ASN C 276 27.30 -2.31 30.69
N LEU C 277 27.24 -2.31 29.34
CA LEU C 277 28.10 -3.22 28.60
C LEU C 277 29.49 -2.62 28.45
N THR C 278 30.52 -3.46 28.38
CA THR C 278 31.85 -2.97 27.93
C THR C 278 32.01 -3.15 26.44
N VAL C 279 33.09 -2.61 25.90
CA VAL C 279 33.43 -2.84 24.51
C VAL C 279 33.54 -4.31 24.21
N LYS C 280 34.20 -5.07 25.10
CA LYS C 280 34.25 -6.52 24.85
C LYS C 280 32.89 -7.21 24.85
N GLY C 281 31.97 -6.77 25.70
CA GLY C 281 30.68 -7.41 25.84
C GLY C 281 29.80 -7.05 24.64
N HIS C 282 29.95 -5.80 24.17
CA HIS C 282 29.23 -5.35 22.96
C HIS C 282 29.78 -6.13 21.73
N ALA C 283 31.12 -6.24 21.59
CA ALA C 283 31.75 -6.89 20.43
C ALA C 283 31.58 -8.37 20.40
N LYS C 284 31.25 -8.96 21.54
CA LYS C 284 31.00 -10.40 21.59
C LYS C 284 29.83 -10.75 20.62
N CYS C 285 28.88 -9.84 20.53
CA CYS C 285 27.79 -10.01 19.57
C CYS C 285 28.26 -10.13 18.15
N VAL C 286 29.21 -9.28 17.75
CA VAL C 286 29.78 -9.36 16.40
C VAL C 286 30.45 -10.74 16.24
N GLU C 287 31.19 -11.20 17.25
CA GLU C 287 31.89 -12.47 17.13
C GLU C 287 30.90 -13.62 16.95
N VAL C 288 29.83 -13.59 17.72
CA VAL C 288 28.81 -14.62 17.63
C VAL C 288 28.22 -14.64 16.24
N VAL C 289 27.88 -13.45 15.71
CA VAL C 289 27.25 -13.43 14.40
C VAL C 289 28.22 -14.01 13.34
N LYS C 290 29.51 -13.67 13.43
CA LYS C 290 30.47 -14.11 12.43
C LYS C 290 30.63 -15.62 12.37
N THR C 291 30.37 -16.30 13.48
CA THR C 291 30.51 -17.75 13.51
C THR C 291 29.59 -18.44 12.54
N PHE C 292 28.55 -17.75 12.07
CA PHE C 292 27.63 -18.44 11.13
C PHE C 292 28.05 -18.33 9.68
N ASN C 293 29.12 -17.59 9.42
CA ASN C 293 29.72 -17.54 8.07
C ASN C 293 28.76 -17.10 6.95
N LEU C 294 27.93 -16.13 7.27
CA LEU C 294 26.97 -15.57 6.28
C LEU C 294 27.43 -14.17 5.88
N PRO C 295 27.10 -13.74 4.63
CA PRO C 295 27.32 -12.37 4.15
C PRO C 295 26.74 -11.38 5.20
N LEU C 296 27.53 -10.39 5.59
CA LEU C 296 27.22 -9.56 6.72
C LEU C 296 27.47 -8.08 6.45
N LEU C 297 26.43 -7.25 6.71
CA LEU C 297 26.55 -5.83 6.63
C LEU C 297 26.52 -5.35 8.06
N MET C 298 27.61 -4.69 8.49
N MET C 298 27.61 -4.67 8.47
CA MET C 298 27.72 -4.13 9.83
CA MET C 298 27.74 -4.16 9.83
C MET C 298 27.54 -2.63 9.77
C MET C 298 27.58 -2.63 9.82
N LEU C 299 26.61 -2.12 10.55
CA LEU C 299 26.25 -0.68 10.53
C LEU C 299 26.45 -0.10 11.91
N GLY C 300 26.59 1.24 11.95
CA GLY C 300 26.65 1.98 13.20
C GLY C 300 25.27 2.18 13.83
N GLY C 301 25.03 3.26 14.52
CA GLY C 301 23.75 3.41 15.24
C GLY C 301 24.03 4.51 16.23
N GLY C 302 23.41 4.39 17.37
CA GLY C 302 23.48 5.43 18.43
C GLY C 302 24.85 5.40 19.10
N GLY C 303 25.05 6.33 20.04
CA GLY C 303 26.37 6.34 20.79
C GLY C 303 26.72 7.78 20.97
N TYR C 304 26.73 8.20 22.25
CA TYR C 304 26.74 9.60 22.63
C TYR C 304 27.93 10.01 23.51
N THR C 305 28.66 8.99 23.98
CA THR C 305 30.03 9.25 24.64
C THR C 305 31.07 8.97 23.60
N ILE C 306 31.55 10.00 22.90
CA ILE C 306 32.11 9.71 21.62
C ILE C 306 33.43 8.98 21.67
N ARG C 307 34.22 9.19 22.74
CA ARG C 307 35.43 8.43 22.89
C ARG C 307 35.18 6.90 22.99
N ASN C 308 34.05 6.54 23.61
CA ASN C 308 33.67 5.10 23.76
C ASN C 308 33.08 4.53 22.48
N VAL C 309 32.38 5.37 21.70
CA VAL C 309 31.99 4.94 20.35
C VAL C 309 33.17 4.64 19.46
N ALA C 310 34.20 5.51 19.49
CA ALA C 310 35.35 5.24 18.65
C ALA C 310 36.09 3.95 19.06
N ARG C 311 36.17 3.71 20.37
CA ARG C 311 36.82 2.47 20.85
C ARG C 311 35.99 1.23 20.41
N CYS C 312 34.68 1.35 20.63
CA CYS C 312 33.74 0.23 20.31
C CYS C 312 33.82 -0.17 18.85
N TRP C 313 33.65 0.81 17.94
CA TRP C 313 33.62 0.47 16.53
C TRP C 313 35.00 0.10 15.95
N THR C 314 36.06 0.64 16.56
CA THR C 314 37.41 0.23 16.21
C THR C 314 37.61 -1.23 16.56
N TYR C 315 37.18 -1.62 17.75
CA TYR C 315 37.35 -3.00 18.23
C TYR C 315 36.49 -3.97 17.41
N GLU C 316 35.30 -3.52 17.04
CA GLU C 316 34.42 -4.34 16.20
C GLU C 316 34.89 -4.51 14.78
N THR C 317 35.62 -3.52 14.23
CA THR C 317 36.21 -3.67 12.90
C THR C 317 37.37 -4.70 13.01
N ALA C 318 38.08 -4.68 14.13
CA ALA C 318 39.20 -5.58 14.30
C ALA C 318 38.63 -7.00 14.45
N VAL C 319 37.49 -7.13 15.15
CA VAL C 319 36.81 -8.45 15.27
C VAL C 319 36.43 -8.91 13.86
N ALA C 320 35.85 -8.01 13.04
CA ALA C 320 35.50 -8.35 11.66
C ALA C 320 36.70 -8.88 10.90
N LEU C 321 37.88 -8.24 11.07
CA LEU C 321 39.08 -8.62 10.36
C LEU C 321 39.82 -9.81 11.02
N ASP C 322 39.27 -10.36 12.09
CA ASP C 322 39.96 -11.40 12.92
C ASP C 322 41.38 -10.95 13.36
N CYS C 323 41.49 -9.69 13.76
N CYS C 323 41.50 -9.69 13.78
CA CYS C 323 42.76 -9.13 14.19
CA CYS C 323 42.78 -9.12 14.19
C CYS C 323 42.67 -8.75 15.67
C CYS C 323 42.77 -8.65 15.64
N GLU C 324 43.57 -9.31 16.49
CA GLU C 324 43.73 -8.89 17.88
C GLU C 324 44.48 -7.55 17.84
N ILE C 325 43.98 -6.56 18.56
CA ILE C 325 44.68 -5.28 18.57
C ILE C 325 45.00 -4.98 20.01
N PRO C 326 46.12 -4.25 20.27
CA PRO C 326 46.56 -4.08 21.67
C PRO C 326 45.65 -3.15 22.37
N ASN C 327 45.55 -3.35 23.67
CA ASN C 327 44.83 -2.48 24.51
C ASN C 327 45.37 -1.04 24.60
N GLU C 328 46.64 -0.85 24.26
CA GLU C 328 47.28 0.46 24.32
C GLU C 328 46.92 1.16 23.06
N LEU C 329 46.25 2.30 23.17
CA LEU C 329 45.86 2.97 21.94
C LEU C 329 47.05 3.52 21.20
N PRO C 330 47.08 3.38 19.89
CA PRO C 330 48.18 4.06 19.15
C PRO C 330 48.00 5.57 19.16
N TYR C 331 49.07 6.30 18.83
CA TYR C 331 48.92 7.76 18.75
C TYR C 331 47.90 8.04 17.61
N ASN C 332 47.12 9.11 17.74
CA ASN C 332 46.12 9.40 16.70
C ASN C 332 45.74 10.88 16.81
N ASP C 333 45.02 11.43 15.81
CA ASP C 333 44.63 12.85 15.85
C ASP C 333 43.77 13.25 17.01
N TYR C 334 43.16 12.27 17.75
CA TYR C 334 42.30 12.54 18.87
C TYR C 334 42.80 11.99 20.17
N PHE C 335 44.11 11.78 20.26
CA PHE C 335 44.66 11.01 21.37
C PHE C 335 44.23 11.56 22.71
N GLU C 336 44.25 12.88 22.89
CA GLU C 336 43.92 13.44 24.22
C GLU C 336 42.48 13.13 24.66
N TYR C 337 41.61 12.83 23.70
CA TYR C 337 40.21 12.52 24.08
C TYR C 337 40.09 11.22 24.86
N PHE C 338 41.14 10.40 24.84
CA PHE C 338 41.07 9.09 25.42
C PHE C 338 41.77 8.99 26.74
N GLY C 339 42.21 10.15 27.27
CA GLY C 339 42.94 10.18 28.55
C GLY C 339 41.95 9.90 29.66
N PRO C 340 42.45 9.65 30.87
CA PRO C 340 43.87 9.77 31.21
C PRO C 340 44.66 8.44 31.10
N ASP C 341 43.93 7.37 30.75
CA ASP C 341 44.44 5.98 30.61
C ASP C 341 44.97 5.63 29.21
N PHE C 342 44.34 6.15 28.17
CA PHE C 342 44.69 5.86 26.78
C PHE C 342 44.66 4.37 26.42
N LYS C 343 43.66 3.67 26.99
CA LYS C 343 43.42 2.25 26.69
C LYS C 343 42.20 2.11 25.76
N LEU C 344 42.18 1.01 25.03
CA LEU C 344 41.05 0.63 24.14
C LEU C 344 39.84 0.18 24.99
N HIS C 345 40.04 -0.74 25.93
CA HIS C 345 38.92 -1.31 26.69
C HIS C 345 38.48 -0.48 27.86
N ILE C 346 37.18 -0.52 28.17
CA ILE C 346 36.60 0.26 29.24
C ILE C 346 36.11 -0.67 30.34
N SER C 347 35.96 -0.08 31.53
CA SER C 347 35.42 -0.78 32.73
C SER C 347 33.94 -0.52 32.86
N PRO C 348 33.17 -1.54 33.30
CA PRO C 348 31.76 -1.23 33.62
C PRO C 348 31.68 -0.30 34.85
N SER C 349 30.51 0.31 35.05
CA SER C 349 30.23 1.12 36.23
C SER C 349 29.64 0.21 37.31
N ASN C 350 29.37 0.76 38.48
CA ASN C 350 28.73 -0.05 39.52
C ASN C 350 27.21 0.07 39.52
N MET C 351 26.63 0.51 38.40
CA MET C 351 25.21 0.66 38.39
C MET C 351 24.53 -0.71 38.64
N THR C 352 23.38 -0.65 39.25
CA THR C 352 22.62 -1.88 39.52
C THR C 352 22.03 -2.47 38.21
N ASN C 353 22.17 -3.79 38.03
CA ASN C 353 21.43 -4.51 36.96
C ASN C 353 20.01 -4.82 37.40
N GLN C 354 19.00 -4.13 36.82
CA GLN C 354 17.63 -4.29 37.21
C GLN C 354 16.92 -5.43 36.50
N ASN C 355 17.65 -6.19 35.69
CA ASN C 355 17.05 -7.31 35.01
C ASN C 355 17.34 -8.49 35.97
N THR C 356 16.30 -8.98 36.62
CA THR C 356 16.52 -10.15 37.49
C THR C 356 16.73 -11.44 36.68
N PRO C 357 17.36 -12.44 37.27
CA PRO C 357 17.41 -13.70 36.57
C PRO C 357 16.05 -14.26 36.20
N GLU C 358 15.03 -14.07 37.03
CA GLU C 358 13.72 -14.61 36.74
C GLU C 358 13.15 -13.90 35.50
N TYR C 359 13.32 -12.61 35.50
CA TYR C 359 12.86 -11.76 34.37
C TYR C 359 13.49 -12.22 33.09
N MET C 360 14.82 -12.40 33.07
CA MET C 360 15.54 -12.74 31.83
C MET C 360 15.12 -14.13 31.33
N GLU C 361 14.95 -15.06 32.27
CA GLU C 361 14.60 -16.41 31.90
C GLU C 361 13.18 -16.45 31.34
N LYS C 362 12.26 -15.67 31.89
CA LYS C 362 10.86 -15.67 31.44
C LYS C 362 10.81 -15.12 29.98
N ILE C 363 11.58 -14.06 29.74
CA ILE C 363 11.58 -13.46 28.36
C ILE C 363 12.20 -14.49 27.42
N LYS C 364 13.33 -15.09 27.78
CA LYS C 364 14.00 -15.97 26.87
C LYS C 364 13.09 -17.14 26.55
N GLN C 365 12.37 -17.64 27.54
N GLN C 365 12.38 -17.60 27.58
CA GLN C 365 11.53 -18.83 27.29
CA GLN C 365 11.46 -18.75 27.49
C GLN C 365 10.35 -18.49 26.37
C GLN C 365 10.44 -18.46 26.40
N ARG C 366 9.80 -17.30 26.51
CA ARG C 366 8.74 -16.87 25.57
C ARG C 366 9.31 -16.76 24.18
N LEU C 367 10.48 -16.16 24.01
CA LEU C 367 11.02 -16.03 22.66
C LEU C 367 11.30 -17.39 22.04
N PHE C 368 11.76 -18.35 22.86
CA PHE C 368 11.98 -19.68 22.33
C PHE C 368 10.68 -20.33 21.88
N GLU C 369 9.59 -20.12 22.62
CA GLU C 369 8.26 -20.63 22.26
C GLU C 369 7.84 -20.00 20.94
N ASN C 370 8.06 -18.68 20.80
CA ASN C 370 7.74 -17.99 19.51
C ASN C 370 8.56 -18.52 18.36
N LEU C 371 9.84 -18.75 18.57
CA LEU C 371 10.72 -19.31 17.54
C LEU C 371 10.31 -20.73 17.08
N ARG C 372 9.65 -21.48 17.97
N ARG C 372 9.69 -21.50 17.98
CA ARG C 372 9.19 -22.81 17.60
CA ARG C 372 9.19 -22.83 17.61
C ARG C 372 7.95 -22.83 16.71
C ARG C 372 8.06 -22.77 16.60
N MET C 373 7.29 -21.68 16.63
CA MET C 373 6.16 -21.47 15.69
C MET C 373 6.55 -21.22 14.24
N LEU C 374 7.83 -21.07 13.92
CA LEU C 374 8.34 -20.98 12.52
C LEU C 374 8.29 -22.32 11.74
N PRO C 375 8.15 -22.26 10.38
CA PRO C 375 8.01 -23.50 9.60
C PRO C 375 9.32 -24.16 9.16
ZN ZN D . -24.73 -0.27 7.10
CA CA E . -18.51 2.55 9.17
CA CA F . -15.31 16.84 12.06
C1 A1L47 G . -26.97 1.62 7.97
C2 A1L47 G . -28.24 2.04 9.98
C3 A1L47 G . -29.44 1.63 7.87
C7 A1L47 G . -27.49 -1.21 3.14
C10 A1L47 G . -28.22 1.15 1.63
C11 A1L47 G . -28.09 1.19 3.05
C12 A1L47 G . -27.99 -0.07 1.04
C13 A1L47 G . -28.13 -0.19 -0.45
C14 A1L47 G . -28.87 0.64 -1.31
C4 A1L47 G . -29.46 1.87 9.25
C5 A1L47 G . -28.21 1.45 7.22
C6 A1L47 G . -27.62 0.19 5.27
N4 A1L47 G . -28.76 0.09 -2.56
N2 A1L47 G . -27.99 -1.09 -2.46
N3 A1L47 G . -27.62 -1.23 -1.11
C8 A1L47 G . -27.65 -1.23 1.74
C9 A1L47 G . -27.73 0.04 3.77
O A1L47 G . -27.01 -0.65 5.96
N1 A1L47 G . -28.21 1.23 5.83
N A1L47 G . -25.74 1.48 7.30
C A1L47 G . -26.99 1.89 9.32
C1 EDO H . -24.35 20.61 13.06
O1 EDO H . -25.51 21.44 12.93
C2 EDO H . -23.10 21.46 12.77
O2 EDO H . -22.35 21.55 14.00
C1 EDO I . -20.10 24.21 26.03
O1 EDO I . -20.57 24.62 24.74
C2 EDO I . -18.64 23.81 25.97
O2 EDO I . -18.38 22.87 27.02
C1 EDO J . -2.19 -5.74 10.34
O1 EDO J . -1.52 -5.58 9.08
C2 EDO J . -2.91 -7.07 10.25
O2 EDO J . -3.58 -7.09 8.98
C1 PEG K . -47.64 -0.53 13.45
O1 PEG K . -48.28 0.70 13.11
C2 PEG K . -46.49 -0.16 14.40
O2 PEG K . -46.80 -0.50 15.75
C3 PEG K . -46.67 0.59 16.67
C4 PEG K . -47.41 0.34 17.99
O4 PEG K . -47.24 -1.02 18.43
C1 PEG L . -35.78 -2.90 -1.06
O1 PEG L . -36.87 -1.96 -1.13
C2 PEG L . -34.46 -2.12 -0.99
O2 PEG L . -33.37 -3.04 -1.05
C3 PEG L . -32.07 -2.48 -0.83
C4 PEG L . -31.05 -3.09 -1.80
O4 PEG L . -30.80 -4.47 -1.47
C1 PEG M . -41.92 -10.13 12.47
O1 PEG M . -42.34 -11.13 13.39
C2 PEG M . -42.65 -8.86 12.84
O2 PEG M . -43.09 -8.25 11.63
C3 PEG M . -43.69 -6.99 11.87
C4 PEG M . -45.12 -7.05 11.34
O4 PEG M . -45.95 -6.25 12.18
C1 PGE N . -37.17 -17.03 10.31
O1 PGE N . -36.00 -16.37 9.79
C2 PGE N . -36.85 -18.31 11.08
O2 PGE N . -35.51 -18.81 10.88
C3 PGE N . -35.52 -20.13 10.30
C4 PGE N . -34.31 -20.90 10.83
O4 PGE N . -30.37 -21.06 9.06
C6 PGE N . -30.75 -20.23 10.15
C5 PGE N . -31.95 -20.81 10.89
O3 PGE N . -33.11 -20.42 10.19
ZN ZN O . 3.82 -10.41 -25.99
CA CA P . 8.74 -7.04 -29.95
CA CA Q . 8.09 -3.52 -44.49
C1 A1L47 R . 1.10 -10.11 -27.30
C2 A1L47 R . -0.63 -8.30 -27.38
C3 A1L47 R . -1.23 -10.66 -26.75
C7 A1L47 R . 2.16 -14.83 -24.74
C10 A1L47 R . 1.32 -16.49 -26.95
C11 A1L47 R . 1.12 -15.07 -26.96
C12 A1L47 R . 1.93 -17.02 -25.81
C13 A1L47 R . 2.18 -18.48 -25.77
C14 A1L47 R . 1.58 -19.42 -26.59
C4 A1L47 R . -1.60 -9.29 -26.98
C5 A1L47 R . 0.09 -11.10 -26.95
C6 A1L47 R . 1.33 -12.80 -25.89
N4 A1L47 R . 2.09 -20.64 -26.26
N2 A1L47 R . 3.01 -20.45 -25.21
N3 A1L47 R . 3.04 -19.08 -24.90
C8 A1L47 R . 2.37 -16.24 -24.74
C9 A1L47 R . 1.57 -14.30 -25.88
O A1L47 R . 2.01 -12.08 -25.15
N1 A1L47 R . 0.39 -12.41 -26.76
N A1L47 R . 2.43 -10.48 -27.53
C A1L47 R . 0.72 -8.77 -27.53
C1 EDO S . -0.88 -9.24 -3.88
O1 EDO S . -2.22 -8.78 -4.09
C2 EDO S . 0.14 -8.28 -4.47
O2 EDO S . 1.21 -9.00 -5.12
C1 EDO T . 14.19 8.29 -47.32
O1 EDO T . 13.77 9.28 -48.27
C2 EDO T . 14.54 6.97 -48.00
O2 EDO T . 13.76 5.88 -47.46
C1 EDO U . -0.07 -2.12 -47.72
O1 EDO U . 0.31 -0.87 -48.31
C2 EDO U . 0.46 -3.30 -48.53
O2 EDO U . 1.17 -2.81 -49.68
C1 GOL V . 14.48 4.22 -7.78
O1 GOL V . 14.93 3.86 -9.09
C2 GOL V . 13.01 4.62 -7.81
O2 GOL V . 12.62 4.93 -6.49
C3 GOL V . 12.83 5.88 -8.64
O3 GOL V . 11.67 6.64 -8.29
C1 PEG W . -11.91 -8.26 -11.34
O1 PEG W . -12.59 -7.21 -10.62
C2 PEG W . -12.24 -8.17 -12.84
O2 PEG W . -12.78 -9.41 -13.33
C3 PEG W . -13.43 -9.31 -14.60
C4 PEG W . -14.53 -10.37 -14.78
O4 PEG W . -14.22 -11.62 -14.14
O1 PG4 X . -21.85 -10.93 -22.28
C1 PG4 X . -21.78 -11.08 -20.86
C2 PG4 X . -20.42 -10.60 -20.32
O2 PG4 X . -19.99 -9.45 -21.09
C3 PG4 X . -18.78 -8.91 -20.53
C4 PG4 X . -18.52 -7.66 -21.31
O3 PG4 X . -19.26 -6.63 -20.73
C5 PG4 X . -19.19 -5.41 -21.41
C6 PG4 X . -20.33 -4.54 -20.90
O4 PG4 X . -20.11 -4.23 -19.50
C7 PG4 X . -21.07 -3.35 -18.85
C8 PG4 X . -21.82 -4.08 -17.72
O5 PG4 X . -21.05 -4.29 -16.52
ZN ZN Y . 19.91 4.31 20.14
CA CA Z . 18.09 -2.55 19.72
CA CA AA . 9.48 -9.35 9.65
C1 A1L47 BA . 19.64 5.56 17.34
C2 A1L47 BA . 21.02 5.67 15.29
C3 A1L47 BA . 20.17 7.71 16.29
C7 A1L47 BA . 16.74 8.76 20.13
C10 A1L47 BA . 17.55 9.35 22.64
C11 A1L47 BA . 18.43 8.61 21.87
C12 A1L47 BA . 16.30 9.81 22.18
C13 A1L47 BA . 15.40 10.56 23.06
C14 A1L47 BA . 14.24 11.24 22.72
C4 A1L47 BA . 20.90 7.09 15.30
C5 A1L47 BA . 19.48 7.04 17.36
C6 A1L47 BA . 18.91 7.58 19.65
N4 A1L47 BA . 13.68 11.78 23.82
N2 A1L47 BA . 14.53 11.45 24.89
N3 A1L47 BA . 15.62 10.69 24.40
C8 A1L47 BA . 15.86 9.53 20.88
C9 A1L47 BA . 18.00 8.33 20.55
O A1L47 BA . 19.94 6.94 20.01
N1 A1L47 BA . 18.73 7.73 18.26
N A1L47 BA . 18.96 4.81 18.35
C A1L47 BA . 20.40 4.93 16.36
C1 EDO CA . 4.32 11.01 9.07
O1 EDO CA . 4.25 12.19 8.21
C2 EDO CA . 3.73 11.15 10.45
O2 EDO CA . 3.35 9.84 10.91
C1 EDO DA . 29.07 20.01 5.92
O1 EDO DA . 30.27 19.73 5.21
C2 EDO DA . 29.08 21.27 6.78
O2 EDO DA . 28.36 22.36 6.17
C1 PEG EA . 8.70 -2.44 2.00
O1 PEG EA . 8.71 -2.50 0.56
C2 PEG EA . 8.36 -3.82 2.53
O2 PEG EA . 9.03 -4.83 1.77
C3 PEG EA . 8.58 -6.12 2.20
C4 PEG EA . 9.48 -7.21 1.66
O4 PEG EA . 9.46 -7.16 0.22
O1 PG4 FA . 21.68 -16.91 -10.68
C1 PG4 FA . 20.48 -16.16 -10.44
C2 PG4 FA . 19.30 -17.09 -10.49
O2 PG4 FA . 18.81 -17.22 -9.15
C3 PG4 FA . 17.39 -17.32 -9.09
C4 PG4 FA . 17.03 -17.77 -7.67
O3 PG4 FA . 17.66 -16.94 -6.69
C5 PG4 FA . 16.76 -16.60 -5.62
C6 PG4 FA . 17.47 -15.69 -4.62
O4 PG4 FA . 16.68 -14.57 -4.21
C7 PG4 FA . 15.39 -14.47 -4.70
C8 PG4 FA . 14.76 -13.16 -4.32
O5 PG4 FA . 13.35 -13.40 -4.19
#